data_8GQI
#
_entry.id   8GQI
#
_cell.length_a   177.372
_cell.length_b   177.372
_cell.length_c   70.588
_cell.angle_alpha   90.000
_cell.angle_beta   90.000
_cell.angle_gamma   90.000
#
_symmetry.space_group_name_H-M   'I 41'
#
loop_
_entity.id
_entity.type
_entity.pdbx_description
1 polymer Thiolase
2 non-polymer GLYCEROL
3 water water
#
_entity_poly.entity_id   1
_entity_poly.type   'polypeptide(L)'
_entity_poly.pdbx_seq_one_letter_code
;MLDAYIYAGLRTPFGRHAGALSTVRPDDLAGLLLARLAETSGFAVDDLEDVILGCTNQAGEDSRNLARNALLAAGLPARL
PGQTVNRLCASGLSAVIDAARAISCGEGRLYLAGGAESMSRAPFVMGKAESAFSRTLEVFDSTIGARFANPRLVERYGND
SMPETGDNVARAFGIAREDADRFAASSQARYQAALEEGFFLGEILPVEVRAGRKGETRLVERDEHPRPQADLAALARLPA
LFAGGVVTAGNASGINDGAAVVLLGDRAIGEREGIRPLARILASASVGVEPRLMGIGPQQAILRALQRAGIDLDEVGLIE
INEAFAPQVLACLKLLGLDYEDPRVNPHGGAIALGHPLGASGARLVLTAARGLQRIERRYAVVSLCVGLGQGVAMVIERC
RLEHHHHHH
;
_entity_poly.pdbx_strand_id   A,B
#
loop_
_chem_comp.id
_chem_comp.type
_chem_comp.name
_chem_comp.formula
GOL non-polymer GLYCEROL 'C3 H8 O3'
#
# COMPACT_ATOMS: atom_id res chain seq x y z
N MET A 1 -15.76 17.48 4.66
CA MET A 1 -16.45 16.23 5.05
C MET A 1 -16.26 15.20 3.93
N LEU A 2 -15.82 13.97 4.23
CA LEU A 2 -15.79 12.92 3.20
C LEU A 2 -17.23 12.68 2.76
N ASP A 3 -17.46 12.10 1.59
CA ASP A 3 -18.81 11.86 1.08
C ASP A 3 -18.81 10.48 0.42
N ALA A 4 -18.61 9.44 1.22
CA ALA A 4 -18.56 8.04 0.74
C ALA A 4 -19.48 7.21 1.62
N TYR A 5 -20.19 6.26 1.02
CA TYR A 5 -21.20 5.46 1.74
C TYR A 5 -20.79 3.98 1.76
N ILE A 6 -20.94 3.33 2.91
CA ILE A 6 -20.74 1.86 3.07
C ILE A 6 -22.08 1.18 2.65
N TYR A 7 -22.11 0.44 1.56
CA TYR A 7 -23.34 -0.26 1.07
C TYR A 7 -23.42 -1.68 1.63
N ALA A 8 -22.28 -2.35 1.75
CA ALA A 8 -22.27 -3.79 2.11
C ALA A 8 -20.90 -4.15 2.64
N GLY A 9 -20.82 -5.30 3.33
CA GLY A 9 -19.53 -5.92 3.59
C GLY A 9 -19.66 -7.33 4.06
N LEU A 10 -18.54 -8.05 4.04
CA LEU A 10 -18.47 -9.43 4.57
C LEU A 10 -17.06 -9.66 5.11
N ARG A 11 -16.93 -10.56 6.06
CA ARG A 11 -15.61 -11.07 6.51
C ARG A 11 -15.65 -12.59 6.58
N THR A 12 -14.48 -13.21 6.49
CA THR A 12 -14.28 -14.62 6.87
C THR A 12 -14.30 -14.68 8.41
N PRO A 13 -14.50 -15.89 8.94
CA PRO A 13 -14.19 -16.14 10.32
C PRO A 13 -12.68 -15.88 10.41
N PHE A 14 -12.24 -15.46 11.58
CA PHE A 14 -10.80 -15.28 11.91
C PHE A 14 -10.30 -16.59 12.53
N GLY A 15 -9.26 -17.20 11.94
CA GLY A 15 -8.72 -18.51 12.37
C GLY A 15 -7.52 -18.28 13.26
N ARG A 16 -7.20 -19.24 14.13
CA ARG A 16 -5.97 -19.24 14.96
C ARG A 16 -4.80 -19.60 14.06
N HIS A 17 -3.62 -19.24 14.56
CA HIS A 17 -2.30 -19.59 13.96
C HIS A 17 -2.26 -21.12 13.74
N ALA A 18 -2.03 -21.59 12.51
CA ALA A 18 -2.00 -23.01 12.10
C ALA A 18 -3.38 -23.64 12.38
N GLY A 19 -4.45 -22.84 12.28
CA GLY A 19 -5.80 -23.28 12.66
C GLY A 19 -6.67 -23.54 11.46
N ALA A 20 -7.94 -23.20 11.62
CA ALA A 20 -9.07 -23.52 10.75
C ALA A 20 -8.85 -22.95 9.35
N LEU A 21 -8.09 -21.85 9.21
CA LEU A 21 -7.93 -21.25 7.86
C LEU A 21 -6.48 -21.37 7.34
N SER A 22 -5.59 -22.11 8.03
CA SER A 22 -4.14 -22.21 7.72
C SER A 22 -3.90 -22.80 6.33
N THR A 23 -4.86 -23.49 5.73
CA THR A 23 -4.70 -24.10 4.38
C THR A 23 -5.15 -23.13 3.29
N VAL A 24 -5.73 -21.99 3.64
CA VAL A 24 -6.29 -21.03 2.64
C VAL A 24 -5.29 -19.92 2.34
N ARG A 25 -4.96 -19.76 1.07
CA ARG A 25 -4.07 -18.64 0.62
C ARG A 25 -4.75 -17.31 0.93
N PRO A 26 -3.99 -16.30 1.40
CA PRO A 26 -4.54 -14.97 1.66
C PRO A 26 -5.21 -14.34 0.42
N ASP A 27 -4.70 -14.57 -0.78
CA ASP A 27 -5.39 -14.06 -2.00
C ASP A 27 -6.72 -14.81 -2.19
N ASP A 28 -6.81 -16.10 -1.84
CA ASP A 28 -8.07 -16.86 -2.04
C ASP A 28 -9.09 -16.43 -0.98
N LEU A 29 -8.65 -16.15 0.23
CA LEU A 29 -9.48 -15.75 1.37
C LEU A 29 -10.13 -14.36 1.12
N ALA A 30 -9.38 -13.43 0.51
CA ALA A 30 -9.86 -12.11 0.06
C ALA A 30 -10.72 -12.34 -1.17
N GLY A 31 -10.28 -13.21 -2.09
CA GLY A 31 -11.04 -13.50 -3.32
C GLY A 31 -12.45 -13.99 -3.05
N LEU A 32 -12.65 -14.82 -2.03
CA LEU A 32 -13.99 -15.34 -1.64
C LEU A 32 -14.92 -14.17 -1.33
N LEU A 33 -14.45 -13.18 -0.57
CA LEU A 33 -15.30 -12.05 -0.13
C LEU A 33 -15.56 -11.16 -1.34
N LEU A 34 -14.53 -10.91 -2.16
CA LEU A 34 -14.67 -10.02 -3.34
C LEU A 34 -15.69 -10.62 -4.32
N ALA A 35 -15.63 -11.94 -4.51
CA ALA A 35 -16.55 -12.68 -5.42
C ALA A 35 -17.97 -12.63 -4.83
N ARG A 36 -18.12 -12.87 -3.53
CA ARG A 36 -19.49 -12.96 -2.97
C ARG A 36 -20.15 -11.56 -3.03
N LEU A 37 -19.42 -10.47 -2.72
CA LEU A 37 -19.97 -9.08 -2.76
C LEU A 37 -20.32 -8.65 -4.19
N ALA A 38 -19.44 -8.92 -5.16
CA ALA A 38 -19.70 -8.65 -6.61
C ALA A 38 -21.04 -9.30 -7.00
N GLU A 39 -21.29 -10.53 -6.53
CA GLU A 39 -22.42 -11.39 -6.98
C GLU A 39 -23.73 -10.96 -6.28
N THR A 40 -23.67 -10.43 -5.05
CA THR A 40 -24.85 -10.21 -4.19
C THR A 40 -25.11 -8.74 -3.81
N SER A 41 -24.29 -7.76 -4.22
CA SER A 41 -24.48 -6.33 -3.79
C SER A 41 -25.71 -5.69 -4.43
N GLY A 42 -26.10 -6.07 -5.64
CA GLY A 42 -27.13 -5.37 -6.45
C GLY A 42 -26.53 -4.41 -7.47
N PHE A 43 -25.26 -4.07 -7.31
CA PHE A 43 -24.53 -3.13 -8.18
C PHE A 43 -23.96 -3.92 -9.36
N ALA A 44 -23.75 -3.24 -10.48
CA ALA A 44 -23.11 -3.82 -11.68
C ALA A 44 -21.60 -3.89 -11.44
N VAL A 45 -21.03 -5.06 -11.70
CA VAL A 45 -19.58 -5.33 -11.51
C VAL A 45 -18.78 -4.31 -12.33
N ASP A 46 -19.34 -3.83 -13.45
CA ASP A 46 -18.64 -2.89 -14.36
C ASP A 46 -18.62 -1.47 -13.76
N ASP A 47 -19.43 -1.19 -12.73
CA ASP A 47 -19.38 0.12 -12.05
C ASP A 47 -18.23 0.10 -11.04
N LEU A 48 -17.62 -1.07 -10.77
CA LEU A 48 -16.53 -1.16 -9.78
C LEU A 48 -15.32 -0.43 -10.34
N GLU A 49 -14.76 0.51 -9.56
CA GLU A 49 -13.59 1.29 -10.04
C GLU A 49 -12.30 0.55 -9.73
N ASP A 50 -12.21 -0.08 -8.56
CA ASP A 50 -10.88 -0.46 -8.02
C ASP A 50 -11.12 -1.30 -6.77
N VAL A 51 -10.16 -2.13 -6.42
CA VAL A 51 -10.13 -2.98 -5.20
C VAL A 51 -8.93 -2.49 -4.39
N ILE A 52 -9.10 -2.19 -3.13
CA ILE A 52 -7.98 -1.70 -2.28
C ILE A 52 -7.92 -2.61 -1.08
N LEU A 53 -6.82 -3.34 -0.89
CA LEU A 53 -6.71 -4.23 0.30
C LEU A 53 -5.50 -3.85 1.16
N GLY A 54 -5.69 -3.83 2.49
CA GLY A 54 -4.58 -3.77 3.43
C GLY A 54 -3.92 -5.14 3.54
N CYS A 55 -2.60 -5.17 3.69
CA CYS A 55 -1.80 -6.39 3.97
C CYS A 55 -0.44 -5.94 4.48
N THR A 56 -0.09 -6.33 5.71
CA THR A 56 1.13 -5.85 6.38
C THR A 56 2.37 -6.64 5.93
N ASN A 57 2.21 -7.74 5.20
CA ASN A 57 3.31 -8.74 4.94
C ASN A 57 3.73 -8.61 3.47
N GLN A 58 3.00 -9.18 2.51
CA GLN A 58 3.26 -9.03 1.06
C GLN A 58 4.60 -9.71 0.63
N ALA A 59 5.10 -10.70 1.39
CA ALA A 59 6.33 -11.47 1.05
C ALA A 59 5.97 -12.82 0.42
N GLY A 60 4.69 -13.24 0.49
CA GLY A 60 4.26 -14.64 0.29
C GLY A 60 3.28 -14.81 -0.84
N GLU A 61 2.19 -15.52 -0.56
CA GLU A 61 1.05 -15.69 -1.49
C GLU A 61 0.32 -14.35 -1.59
N ASP A 62 0.66 -13.39 -0.73
CA ASP A 62 0.04 -12.04 -0.65
C ASP A 62 0.96 -11.04 -1.35
N SER A 63 1.99 -11.50 -2.07
CA SER A 63 3.02 -10.64 -2.70
C SER A 63 2.54 -10.16 -4.05
N ARG A 64 3.23 -9.19 -4.66
CA ARG A 64 3.03 -8.74 -6.05
C ARG A 64 1.60 -8.21 -6.22
N ASN A 65 1.11 -7.52 -5.19
CA ASN A 65 -0.20 -6.80 -5.20
C ASN A 65 -1.33 -7.81 -4.99
N LEU A 66 -1.52 -8.21 -3.73
CA LEU A 66 -2.61 -9.07 -3.22
C LEU A 66 -3.94 -8.67 -3.86
N ALA A 67 -4.27 -7.38 -3.87
CA ALA A 67 -5.62 -6.93 -4.31
C ALA A 67 -5.87 -7.46 -5.72
N ARG A 68 -4.92 -7.30 -6.62
CA ARG A 68 -5.16 -7.62 -8.05
C ARG A 68 -5.08 -9.16 -8.22
N ASN A 69 -4.20 -9.83 -7.46
CA ASN A 69 -4.09 -11.32 -7.55
C ASN A 69 -5.41 -11.86 -7.02
N ALA A 70 -5.94 -11.20 -5.98
CA ALA A 70 -7.12 -11.73 -5.30
C ALA A 70 -8.33 -11.57 -6.21
N LEU A 71 -8.51 -10.43 -6.85
CA LEU A 71 -9.72 -10.21 -7.66
C LEU A 71 -9.65 -11.10 -8.92
N LEU A 72 -8.47 -11.37 -9.46
CA LEU A 72 -8.36 -12.21 -10.67
C LEU A 72 -8.68 -13.67 -10.32
N ALA A 73 -8.14 -14.16 -9.21
CA ALA A 73 -8.28 -15.56 -8.74
C ALA A 73 -9.74 -15.84 -8.41
N ALA A 74 -10.45 -14.83 -7.89
CA ALA A 74 -11.88 -14.90 -7.54
C ALA A 74 -12.78 -14.74 -8.77
N GLY A 75 -12.24 -14.50 -9.97
CA GLY A 75 -13.06 -14.48 -11.20
C GLY A 75 -13.71 -13.14 -11.45
N LEU A 76 -13.25 -12.04 -10.81
CA LEU A 76 -13.73 -10.67 -11.17
C LEU A 76 -13.06 -10.28 -12.50
N PRO A 77 -13.64 -9.30 -13.24
CA PRO A 77 -13.10 -8.95 -14.55
C PRO A 77 -11.66 -8.40 -14.53
N ALA A 78 -10.89 -8.77 -15.55
CA ALA A 78 -9.55 -8.24 -15.87
C ALA A 78 -9.57 -6.71 -15.93
N ARG A 79 -10.68 -6.08 -16.36
CA ARG A 79 -10.84 -4.58 -16.44
C ARG A 79 -10.74 -3.89 -15.06
N LEU A 80 -10.80 -4.61 -13.95
CA LEU A 80 -10.92 -4.05 -12.56
C LEU A 80 -9.52 -3.98 -11.94
N PRO A 81 -8.95 -2.79 -11.70
CA PRO A 81 -7.61 -2.69 -11.14
C PRO A 81 -7.65 -2.87 -9.63
N GLY A 82 -6.49 -3.10 -9.01
CA GLY A 82 -6.38 -3.14 -7.56
C GLY A 82 -5.04 -2.66 -7.05
N GLN A 83 -5.01 -2.43 -5.75
CA GLN A 83 -3.86 -1.80 -5.07
C GLN A 83 -3.86 -2.35 -3.66
N THR A 84 -2.68 -2.54 -3.13
CA THR A 84 -2.48 -3.10 -1.79
C THR A 84 -1.84 -2.01 -0.96
N VAL A 85 -2.32 -1.88 0.26
CA VAL A 85 -1.89 -0.78 1.15
C VAL A 85 -1.29 -1.39 2.40
N ASN A 86 -0.31 -0.72 3.02
CA ASN A 86 0.34 -1.21 4.24
C ASN A 86 0.57 -0.04 5.19
N ARG A 87 -0.13 -0.05 6.31
CA ARG A 87 0.09 0.86 7.45
C ARG A 87 0.02 -0.02 8.68
N LEU A 88 0.73 -1.15 8.60
CA LEU A 88 0.71 -2.23 9.60
C LEU A 88 -0.70 -2.47 10.09
N CYS A 89 -0.92 -2.38 11.41
CA CYS A 89 -2.18 -2.80 12.11
C CYS A 89 -3.40 -2.01 11.57
N ALA A 90 -3.22 -0.80 11.02
CA ALA A 90 -4.33 0.05 10.55
C ALA A 90 -4.57 -0.19 9.04
N SER A 91 -3.86 -1.11 8.41
CA SER A 91 -3.92 -1.36 6.94
C SER A 91 -5.36 -1.49 6.42
N GLY A 92 -6.23 -2.28 7.06
CA GLY A 92 -7.61 -2.53 6.58
C GLY A 92 -8.47 -1.28 6.69
N LEU A 93 -8.22 -0.42 7.67
CA LEU A 93 -8.95 0.86 7.85
C LEU A 93 -8.43 1.89 6.81
N SER A 94 -7.10 1.96 6.62
CA SER A 94 -6.44 2.87 5.67
C SER A 94 -6.89 2.56 4.23
N ALA A 95 -7.14 1.30 3.86
CA ALA A 95 -7.65 0.95 2.51
C ALA A 95 -9.05 1.56 2.32
N VAL A 96 -9.91 1.48 3.31
CA VAL A 96 -11.28 2.06 3.28
C VAL A 96 -11.21 3.58 3.20
N ILE A 97 -10.39 4.19 4.05
CA ILE A 97 -10.06 5.62 4.00
C ILE A 97 -9.62 6.03 2.59
N ASP A 98 -8.66 5.32 1.99
CA ASP A 98 -8.17 5.68 0.61
C ASP A 98 -9.35 5.58 -0.38
N ALA A 99 -10.19 4.54 -0.33
CA ALA A 99 -11.37 4.37 -1.23
C ALA A 99 -12.35 5.53 -0.99
N ALA A 100 -12.59 5.88 0.27
CA ALA A 100 -13.54 6.94 0.66
C ALA A 100 -13.07 8.30 0.08
N ARG A 101 -11.78 8.61 0.17
CA ARG A 101 -11.15 9.81 -0.41
C ARG A 101 -11.28 9.81 -1.95
N ALA A 102 -10.95 8.71 -2.62
CA ALA A 102 -11.17 8.62 -4.07
C ALA A 102 -12.60 9.02 -4.41
N ILE A 103 -13.58 8.36 -3.78
CA ILE A 103 -15.03 8.56 -4.01
C ILE A 103 -15.39 10.04 -3.79
N SER A 104 -14.89 10.62 -2.71
CA SER A 104 -15.23 12.00 -2.26
C SER A 104 -14.68 13.01 -3.26
N CYS A 105 -13.65 12.63 -4.01
CA CYS A 105 -13.00 13.43 -5.07
C CYS A 105 -13.68 13.25 -6.41
N GLY A 106 -14.54 12.25 -6.56
CA GLY A 106 -15.24 12.01 -7.84
C GLY A 106 -14.46 11.09 -8.76
N GLU A 107 -13.48 10.37 -8.24
CA GLU A 107 -12.66 9.43 -9.04
C GLU A 107 -13.16 8.03 -8.72
N GLY A 108 -14.19 7.58 -9.45
CA GLY A 108 -14.91 6.29 -9.27
C GLY A 108 -16.13 6.43 -8.37
N ARG A 109 -17.19 5.69 -8.65
CA ARG A 109 -18.49 5.74 -7.94
C ARG A 109 -18.59 4.59 -6.90
N LEU A 110 -17.71 3.58 -6.97
CA LEU A 110 -17.89 2.27 -6.30
C LEU A 110 -16.52 1.59 -6.15
N TYR A 111 -16.15 1.23 -4.92
CA TYR A 111 -14.86 0.59 -4.59
C TYR A 111 -15.13 -0.60 -3.67
N LEU A 112 -14.37 -1.69 -3.83
CA LEU A 112 -14.24 -2.72 -2.80
C LEU A 112 -12.99 -2.39 -1.98
N ALA A 113 -13.06 -2.39 -0.66
CA ALA A 113 -11.91 -2.02 0.19
C ALA A 113 -11.93 -2.86 1.46
N GLY A 114 -10.76 -3.33 1.87
CA GLY A 114 -10.64 -4.04 3.15
C GLY A 114 -9.20 -4.44 3.40
N GLY A 115 -9.00 -5.64 3.91
CA GLY A 115 -7.69 -6.18 4.22
C GLY A 115 -7.77 -7.67 4.38
N ALA A 116 -6.61 -8.28 4.36
CA ALA A 116 -6.44 -9.74 4.48
C ALA A 116 -5.04 -9.98 5.04
N GLU A 117 -4.91 -11.06 5.78
CA GLU A 117 -3.62 -11.49 6.33
C GLU A 117 -3.73 -12.99 6.58
N SER A 118 -2.75 -13.76 6.12
CA SER A 118 -2.51 -15.17 6.50
C SER A 118 -1.25 -15.21 7.33
N MET A 119 -1.36 -14.99 8.63
CA MET A 119 -0.16 -15.02 9.52
C MET A 119 0.37 -16.48 9.63
N SER A 120 -0.47 -17.49 9.35
CA SER A 120 -0.07 -18.92 9.27
C SER A 120 0.96 -19.12 8.14
N ARG A 121 0.63 -18.54 6.98
CA ARG A 121 1.25 -18.89 5.69
C ARG A 121 2.30 -17.84 5.32
N ALA A 122 2.63 -16.95 6.25
CA ALA A 122 3.66 -15.89 6.15
C ALA A 122 5.02 -16.57 5.96
N PRO A 123 5.80 -16.28 4.89
CA PRO A 123 7.08 -16.96 4.69
C PRO A 123 8.23 -16.51 5.60
N PHE A 124 9.29 -17.34 5.57
CA PHE A 124 10.62 -16.99 6.10
C PHE A 124 11.27 -16.08 5.07
N VAL A 125 12.07 -15.14 5.54
CA VAL A 125 12.74 -14.19 4.62
C VAL A 125 14.24 -14.21 4.90
N MET A 126 15.02 -14.20 3.84
CA MET A 126 16.51 -14.32 3.92
C MET A 126 17.16 -13.22 3.07
N GLY A 127 17.98 -12.43 3.74
CA GLY A 127 18.80 -11.33 3.17
C GLY A 127 19.76 -11.83 2.11
N LYS A 128 19.92 -11.05 1.04
CA LYS A 128 20.91 -11.27 -0.05
C LYS A 128 22.29 -11.08 0.57
N ALA A 129 23.30 -11.70 -0.05
CA ALA A 129 24.71 -11.51 0.35
C ALA A 129 25.18 -10.09 0.00
N GLU A 130 25.82 -9.41 0.95
CA GLU A 130 26.44 -8.10 0.69
C GLU A 130 27.82 -8.27 0.03
N SER A 131 28.43 -9.46 0.04
CA SER A 131 29.73 -9.77 -0.61
C SER A 131 29.79 -11.27 -0.96
N ALA A 132 30.59 -11.67 -1.96
CA ALA A 132 30.71 -13.07 -2.44
C ALA A 132 31.06 -13.93 -1.22
N PHE A 133 30.33 -15.02 -1.01
CA PHE A 133 30.67 -16.04 0.02
C PHE A 133 30.55 -15.39 1.39
N SER A 134 29.68 -14.39 1.52
CA SER A 134 29.38 -13.80 2.85
C SER A 134 28.82 -14.92 3.74
N ARG A 135 29.22 -14.85 5.01
CA ARG A 135 28.88 -15.76 6.11
C ARG A 135 27.74 -15.20 6.97
N THR A 136 27.36 -13.93 6.80
CA THR A 136 26.25 -13.35 7.60
C THR A 136 24.98 -13.78 6.88
N LEU A 137 24.09 -14.41 7.62
CA LEU A 137 22.73 -14.70 7.13
C LEU A 137 21.78 -14.05 8.12
N GLU A 138 20.90 -13.21 7.61
CA GLU A 138 19.77 -12.68 8.40
C GLU A 138 18.53 -13.39 7.85
N VAL A 139 17.93 -14.18 8.74
CA VAL A 139 16.73 -15.01 8.46
C VAL A 139 15.65 -14.58 9.44
N PHE A 140 14.46 -14.31 8.91
CA PHE A 140 13.32 -13.84 9.71
C PHE A 140 12.04 -14.58 9.34
N ASP A 141 11.27 -14.84 10.41
CA ASP A 141 9.83 -15.16 10.37
C ASP A 141 9.08 -13.85 10.02
N SER A 142 8.43 -13.78 8.87
CA SER A 142 7.56 -12.64 8.48
C SER A 142 6.17 -12.71 9.14
N THR A 143 5.82 -13.80 9.83
CA THR A 143 4.53 -13.91 10.58
C THR A 143 4.31 -12.62 11.42
N ILE A 144 5.32 -12.19 12.18
CA ILE A 144 5.20 -11.05 13.13
C ILE A 144 6.58 -10.64 13.67
N GLY A 145 6.70 -9.40 14.13
CA GLY A 145 7.94 -8.88 14.75
C GLY A 145 8.87 -8.17 13.78
N ALA A 146 9.82 -7.40 14.33
CA ALA A 146 10.90 -6.68 13.62
C ALA A 146 11.70 -7.67 12.75
N ARG A 147 11.91 -7.33 11.49
CA ARG A 147 12.87 -8.03 10.60
C ARG A 147 13.68 -6.96 9.86
N PHE A 148 15.00 -7.19 9.77
CA PHE A 148 15.95 -6.30 9.09
C PHE A 148 15.86 -4.90 9.68
N ALA A 149 15.80 -4.77 11.00
CA ALA A 149 15.58 -3.48 11.69
C ALA A 149 16.70 -2.50 11.30
N ASN A 150 16.36 -1.22 11.06
CA ASN A 150 17.33 -0.15 10.77
C ASN A 150 18.07 0.22 12.05
N PRO A 151 19.43 0.11 12.10
CA PRO A 151 20.17 0.48 13.31
C PRO A 151 19.97 1.95 13.67
N ARG A 152 19.82 2.84 12.68
CA ARG A 152 19.58 4.28 12.93
C ARG A 152 18.24 4.42 13.64
N LEU A 153 17.21 3.67 13.24
CA LEU A 153 15.87 3.76 13.89
C LEU A 153 15.98 3.22 15.33
N VAL A 154 16.62 2.06 15.48
CA VAL A 154 16.77 1.37 16.80
C VAL A 154 17.52 2.28 17.80
N GLU A 155 18.54 3.02 17.36
CA GLU A 155 19.36 3.94 18.21
C GLU A 155 18.53 5.12 18.72
N ARG A 156 17.65 5.69 17.87
CA ARG A 156 16.75 6.79 18.28
C ARG A 156 15.60 6.24 19.14
N TYR A 157 15.02 5.07 18.79
CA TYR A 157 13.66 4.67 19.25
C TYR A 157 13.64 3.37 20.04
N GLY A 158 14.72 2.59 20.09
CA GLY A 158 14.78 1.33 20.84
C GLY A 158 14.22 0.21 20.00
N ASN A 159 14.06 -0.99 20.58
CA ASN A 159 13.71 -2.26 19.89
C ASN A 159 12.58 -2.98 20.65
N ASP A 160 11.76 -2.23 21.40
CA ASP A 160 10.65 -2.80 22.22
C ASP A 160 9.74 -3.59 21.28
N SER A 161 9.41 -4.85 21.63
CA SER A 161 8.38 -5.63 20.88
C SER A 161 6.99 -5.03 21.18
N MET A 162 5.98 -5.37 20.38
CA MET A 162 4.60 -4.83 20.58
C MET A 162 4.09 -5.12 22.00
N PRO A 163 4.12 -6.38 22.52
CA PRO A 163 3.75 -6.63 23.92
C PRO A 163 4.47 -5.69 24.91
N GLU A 164 5.78 -5.43 24.67
CA GLU A 164 6.58 -4.55 25.56
C GLU A 164 6.02 -3.13 25.52
N THR A 165 5.46 -2.70 24.37
CA THR A 165 4.90 -1.33 24.25
C THR A 165 3.62 -1.27 25.11
N GLY A 166 2.90 -2.39 25.23
CA GLY A 166 1.71 -2.48 26.12
C GLY A 166 2.10 -2.24 27.58
N ASP A 167 3.23 -2.82 28.02
CA ASP A 167 3.75 -2.71 29.40
C ASP A 167 4.16 -1.26 29.63
N ASN A 168 4.76 -0.64 28.59
CA ASN A 168 5.17 0.79 28.59
C ASN A 168 3.95 1.69 28.83
N VAL A 169 2.86 1.43 28.11
CA VAL A 169 1.66 2.29 28.19
C VAL A 169 1.01 2.05 29.56
N ALA A 170 0.97 0.80 30.00
CA ALA A 170 0.47 0.44 31.36
C ALA A 170 1.25 1.25 32.39
N ARG A 171 2.59 1.28 32.29
CA ARG A 171 3.45 2.04 33.26
C ARG A 171 3.18 3.53 33.09
N ALA A 172 3.28 4.05 31.87
CA ALA A 172 3.15 5.50 31.59
C ALA A 172 1.81 6.05 32.08
N PHE A 173 0.69 5.35 31.89
CA PHE A 173 -0.67 5.96 32.14
C PHE A 173 -1.37 5.30 33.33
N GLY A 174 -0.63 4.46 34.07
CA GLY A 174 -1.06 3.85 35.34
C GLY A 174 -2.24 2.90 35.18
N ILE A 175 -2.12 1.91 34.31
CA ILE A 175 -3.17 0.86 34.12
C ILE A 175 -2.71 -0.39 34.87
N ALA A 176 -3.52 -0.84 35.82
CA ALA A 176 -3.25 -2.03 36.65
C ALA A 176 -3.59 -3.28 35.85
N ARG A 177 -2.86 -4.37 36.09
CA ARG A 177 -3.11 -5.75 35.59
C ARG A 177 -4.58 -6.15 35.84
N GLU A 178 -5.14 -5.79 36.99
CA GLU A 178 -6.54 -6.17 37.39
C GLU A 178 -7.54 -5.58 36.40
N ASP A 179 -7.39 -4.28 36.09
CA ASP A 179 -8.25 -3.57 35.12
C ASP A 179 -8.05 -4.19 33.72
N ALA A 180 -6.82 -4.47 33.31
CA ALA A 180 -6.52 -5.14 32.02
C ALA A 180 -7.30 -6.45 31.94
N ASP A 181 -7.26 -7.26 32.99
CA ASP A 181 -7.84 -8.62 32.96
C ASP A 181 -9.37 -8.50 32.95
N ARG A 182 -9.90 -7.55 33.70
CA ARG A 182 -11.35 -7.22 33.74
C ARG A 182 -11.79 -6.84 32.31
N PHE A 183 -11.01 -6.03 31.60
CA PHE A 183 -11.33 -5.68 30.19
C PHE A 183 -11.21 -6.92 29.30
N ALA A 184 -10.20 -7.76 29.49
CA ALA A 184 -10.04 -8.98 28.65
C ALA A 184 -11.24 -9.91 28.85
N ALA A 185 -11.67 -10.12 30.09
CA ALA A 185 -12.81 -11.00 30.41
C ALA A 185 -14.07 -10.46 29.72
N SER A 186 -14.28 -9.16 29.77
CA SER A 186 -15.53 -8.57 29.23
C SER A 186 -15.51 -8.61 27.69
N SER A 187 -14.33 -8.62 27.03
CA SER A 187 -14.21 -8.82 25.56
C SER A 187 -14.71 -10.22 25.19
N GLN A 188 -14.23 -11.24 25.89
CA GLN A 188 -14.69 -12.64 25.71
C GLN A 188 -16.19 -12.72 25.95
N ALA A 189 -16.67 -12.16 27.07
CA ALA A 189 -18.10 -12.25 27.48
C ALA A 189 -18.99 -11.54 26.43
N ARG A 190 -18.58 -10.35 25.97
CA ARG A 190 -19.36 -9.56 24.98
C ARG A 190 -19.37 -10.30 23.64
N TYR A 191 -18.29 -11.01 23.26
CA TYR A 191 -18.28 -11.84 22.02
C TYR A 191 -19.35 -12.93 22.16
N GLN A 192 -19.32 -13.66 23.28
CA GLN A 192 -20.20 -14.83 23.58
C GLN A 192 -21.68 -14.37 23.53
N ALA A 193 -22.04 -13.30 24.22
CA ALA A 193 -23.41 -12.73 24.16
C ALA A 193 -23.77 -12.37 22.71
N ALA A 194 -22.90 -11.67 21.98
CA ALA A 194 -23.23 -11.25 20.59
C ALA A 194 -23.48 -12.49 19.72
N LEU A 195 -22.65 -13.51 19.86
CA LEU A 195 -22.75 -14.78 19.10
C LEU A 195 -24.11 -15.41 19.36
N GLU A 196 -24.46 -15.53 20.64
CA GLU A 196 -25.78 -16.07 21.09
C GLU A 196 -26.94 -15.25 20.52
N GLU A 197 -26.84 -13.92 20.41
CA GLU A 197 -27.94 -13.06 19.90
C GLU A 197 -28.07 -13.16 18.38
N GLY A 198 -27.09 -13.77 17.70
CA GLY A 198 -27.08 -13.86 16.22
C GLY A 198 -26.40 -12.65 15.55
N PHE A 199 -25.67 -11.83 16.31
CA PHE A 199 -25.10 -10.55 15.79
C PHE A 199 -24.23 -10.80 14.55
N PHE A 200 -23.50 -11.91 14.52
CA PHE A 200 -22.47 -12.18 13.47
C PHE A 200 -23.11 -12.81 12.24
N LEU A 201 -24.39 -13.21 12.26
CA LEU A 201 -25.01 -13.98 11.15
C LEU A 201 -24.68 -13.33 9.81
N GLY A 202 -25.17 -12.13 9.54
CA GLY A 202 -24.95 -11.48 8.23
C GLY A 202 -23.54 -10.90 8.01
N GLU A 203 -22.63 -11.02 8.97
CA GLU A 203 -21.28 -10.40 8.91
C GLU A 203 -20.28 -11.43 8.35
N ILE A 204 -20.44 -12.72 8.64
CA ILE A 204 -19.41 -13.77 8.32
C ILE A 204 -19.77 -14.55 7.05
N LEU A 205 -18.82 -14.68 6.12
CA LEU A 205 -18.93 -15.67 5.03
C LEU A 205 -18.18 -16.93 5.47
N PRO A 206 -18.88 -18.05 5.69
CA PRO A 206 -18.18 -19.30 6.03
C PRO A 206 -17.27 -19.75 4.89
N VAL A 207 -16.18 -20.41 5.24
CA VAL A 207 -15.14 -20.84 4.26
C VAL A 207 -14.99 -22.36 4.29
N GLU A 208 -15.16 -22.97 3.11
CA GLU A 208 -14.88 -24.41 2.84
C GLU A 208 -13.37 -24.64 2.83
N VAL A 209 -12.85 -25.49 3.73
CA VAL A 209 -11.40 -25.84 3.77
C VAL A 209 -11.23 -27.34 3.54
N ARG A 210 -10.06 -27.76 3.07
CA ARG A 210 -9.66 -29.20 3.02
C ARG A 210 -9.65 -29.72 4.47
N ALA A 211 -10.39 -30.80 4.75
CA ALA A 211 -10.54 -31.41 6.08
C ALA A 211 -9.48 -32.51 6.30
N GLY A 212 -8.59 -32.70 5.32
CA GLY A 212 -7.46 -33.65 5.34
C GLY A 212 -7.75 -34.86 4.48
N ARG A 213 -7.80 -36.05 5.09
CA ARG A 213 -8.26 -37.34 4.50
C ARG A 213 -7.95 -37.31 2.99
N LYS A 214 -8.96 -37.37 2.12
CA LYS A 214 -8.85 -37.02 0.67
C LYS A 214 -10.28 -36.85 0.09
N GLY A 215 -10.57 -35.66 -0.44
CA GLY A 215 -11.92 -35.25 -0.92
C GLY A 215 -12.73 -34.60 0.20
N GLU A 216 -12.35 -34.82 1.46
CA GLU A 216 -13.11 -34.35 2.66
C GLU A 216 -12.95 -32.83 2.76
N THR A 217 -14.08 -32.11 2.76
CA THR A 217 -14.20 -30.65 3.06
C THR A 217 -14.93 -30.46 4.39
N ARG A 218 -14.63 -29.35 5.08
CA ARG A 218 -15.27 -28.89 6.34
C ARG A 218 -15.63 -27.40 6.17
N LEU A 219 -16.72 -26.94 6.77
CA LEU A 219 -17.15 -25.54 6.63
C LEU A 219 -16.74 -24.81 7.89
N VAL A 220 -15.90 -23.78 7.76
CA VAL A 220 -15.52 -22.89 8.89
C VAL A 220 -16.56 -21.76 8.95
N GLU A 221 -17.41 -21.77 9.98
CA GLU A 221 -18.61 -20.88 10.12
C GLU A 221 -18.34 -19.86 11.22
N ARG A 222 -17.41 -20.15 12.10
CA ARG A 222 -17.29 -19.50 13.42
C ARG A 222 -15.87 -19.00 13.64
N ASP A 223 -15.73 -17.83 14.25
CA ASP A 223 -14.46 -17.31 14.79
C ASP A 223 -13.82 -18.36 15.72
N GLU A 224 -12.53 -18.68 15.55
CA GLU A 224 -11.82 -19.78 16.24
C GLU A 224 -11.02 -19.22 17.43
N HIS A 225 -10.73 -17.93 17.49
CA HIS A 225 -9.88 -17.36 18.58
C HIS A 225 -10.59 -17.23 19.94
N PRO A 226 -11.93 -17.04 20.05
CA PRO A 226 -12.55 -16.77 21.35
C PRO A 226 -12.30 -17.86 22.40
N ARG A 227 -12.13 -17.46 23.65
CA ARG A 227 -11.96 -18.36 24.81
C ARG A 227 -13.03 -17.97 25.82
N PRO A 228 -14.27 -18.47 25.69
CA PRO A 228 -15.33 -18.12 26.65
C PRO A 228 -15.02 -18.53 28.10
N GLN A 229 -14.14 -19.52 28.31
CA GLN A 229 -13.70 -20.00 29.65
C GLN A 229 -12.76 -18.98 30.32
N ALA A 230 -12.16 -18.05 29.56
CA ALA A 230 -11.29 -17.00 30.12
C ALA A 230 -12.19 -16.01 30.85
N ASP A 231 -12.48 -16.31 32.11
CA ASP A 231 -13.12 -15.35 33.05
C ASP A 231 -12.00 -14.65 33.79
N LEU A 232 -12.35 -13.62 34.54
CA LEU A 232 -11.41 -12.82 35.35
C LEU A 232 -10.49 -13.78 36.08
N ALA A 233 -11.07 -14.80 36.73
CA ALA A 233 -10.34 -15.73 37.62
C ALA A 233 -9.19 -16.40 36.85
N ALA A 234 -9.45 -16.93 35.65
CA ALA A 234 -8.44 -17.65 34.83
C ALA A 234 -7.34 -16.68 34.35
N LEU A 235 -7.72 -15.47 33.95
CA LEU A 235 -6.79 -14.42 33.45
C LEU A 235 -5.86 -13.95 34.58
N ALA A 236 -6.37 -13.83 35.82
CA ALA A 236 -5.58 -13.38 37.01
C ALA A 236 -4.41 -14.36 37.27
N ARG A 237 -4.56 -15.65 36.91
CA ARG A 237 -3.55 -16.72 37.15
C ARG A 237 -2.35 -16.60 36.18
N LEU A 238 -2.55 -16.09 34.96
CA LEU A 238 -1.57 -16.18 33.85
C LEU A 238 -0.32 -15.37 34.20
N PRO A 239 0.87 -15.85 33.77
CA PRO A 239 2.11 -15.11 33.95
C PRO A 239 2.15 -13.89 33.02
N ALA A 240 2.77 -12.79 33.46
CA ALA A 240 3.22 -11.70 32.55
C ALA A 240 4.05 -12.29 31.40
N LEU A 241 4.08 -11.61 30.24
CA LEU A 241 4.99 -12.00 29.14
C LEU A 241 6.43 -11.57 29.47
N PHE A 242 6.58 -10.48 30.24
CA PHE A 242 7.89 -9.91 30.65
C PHE A 242 7.84 -9.59 32.15
N ALA A 243 9.00 -9.64 32.82
CA ALA A 243 9.20 -9.45 34.27
C ALA A 243 8.78 -8.03 34.65
N GLY A 244 7.93 -7.86 35.68
CA GLY A 244 7.39 -6.54 36.12
C GLY A 244 6.32 -6.02 35.16
N GLY A 245 5.86 -6.88 34.24
CA GLY A 245 4.91 -6.54 33.16
C GLY A 245 3.47 -6.84 33.53
N VAL A 246 2.57 -6.35 32.70
CA VAL A 246 1.10 -6.34 32.92
C VAL A 246 0.43 -7.15 31.80
N VAL A 247 1.04 -7.21 30.61
CA VAL A 247 0.53 -7.95 29.42
C VAL A 247 0.80 -9.44 29.56
N THR A 248 -0.22 -10.27 29.26
CA THR A 248 -0.22 -11.75 29.26
C THR A 248 -0.75 -12.26 27.93
N ALA A 249 -0.61 -13.56 27.66
CA ALA A 249 -1.24 -14.27 26.52
C ALA A 249 -2.76 -14.10 26.56
N GLY A 250 -3.33 -13.80 27.71
CA GLY A 250 -4.80 -13.71 27.90
C GLY A 250 -5.37 -12.30 27.70
N ASN A 251 -4.61 -11.25 27.99
CA ASN A 251 -5.12 -9.84 27.86
C ASN A 251 -4.49 -9.17 26.64
N ALA A 252 -3.82 -9.95 25.81
CA ALA A 252 -3.31 -9.58 24.48
C ALA A 252 -4.11 -10.31 23.41
N SER A 253 -4.15 -9.76 22.20
CA SER A 253 -4.75 -10.44 21.03
C SER A 253 -3.72 -11.47 20.57
N GLY A 254 -4.00 -12.25 19.53
CA GLY A 254 -3.12 -13.32 19.09
C GLY A 254 -2.77 -13.17 17.62
N ILE A 255 -2.24 -14.23 17.05
CA ILE A 255 -1.80 -14.28 15.63
C ILE A 255 -2.89 -15.02 14.89
N ASN A 256 -3.36 -14.51 13.74
CA ASN A 256 -4.63 -15.01 13.16
C ASN A 256 -4.61 -14.88 11.65
N ASP A 257 -5.49 -15.60 11.00
CA ASP A 257 -5.79 -15.54 9.55
C ASP A 257 -7.20 -14.94 9.41
N GLY A 258 -7.43 -14.12 8.39
CA GLY A 258 -8.78 -13.58 8.16
C GLY A 258 -8.73 -12.55 7.09
N ALA A 259 -9.88 -12.30 6.46
CA ALA A 259 -10.10 -11.22 5.49
C ALA A 259 -11.41 -10.49 5.85
N ALA A 260 -11.52 -9.22 5.44
CA ALA A 260 -12.73 -8.39 5.63
C ALA A 260 -12.75 -7.34 4.52
N VAL A 261 -13.89 -7.20 3.87
CA VAL A 261 -14.06 -6.29 2.73
C VAL A 261 -15.39 -5.57 2.91
N VAL A 262 -15.41 -4.29 2.53
CA VAL A 262 -16.65 -3.47 2.42
C VAL A 262 -16.73 -2.91 0.99
N LEU A 263 -17.96 -2.68 0.57
CA LEU A 263 -18.28 -2.00 -0.68
C LEU A 263 -18.70 -0.56 -0.36
N LEU A 264 -17.96 0.41 -0.90
CA LEU A 264 -18.13 1.86 -0.71
C LEU A 264 -18.61 2.38 -2.07
N GLY A 265 -19.40 3.45 -2.07
CA GLY A 265 -19.76 4.20 -3.29
C GLY A 265 -20.20 5.61 -2.93
N ASP A 266 -20.45 6.41 -3.95
CA ASP A 266 -21.02 7.77 -3.78
C ASP A 266 -22.50 7.57 -3.43
N ARG A 267 -23.21 8.60 -3.00
CA ARG A 267 -24.68 8.48 -2.76
C ARG A 267 -25.41 8.22 -4.11
N ALA A 268 -24.99 8.83 -5.19
CA ALA A 268 -25.78 8.90 -6.43
C ALA A 268 -25.96 7.48 -7.00
N ILE A 269 -24.94 6.63 -6.93
CA ILE A 269 -25.06 5.29 -7.57
C ILE A 269 -26.11 4.48 -6.82
N GLY A 270 -26.14 4.56 -5.49
CA GLY A 270 -27.19 3.92 -4.69
C GLY A 270 -28.57 4.51 -5.00
N GLU A 271 -28.70 5.82 -5.11
CA GLU A 271 -29.97 6.46 -5.49
C GLU A 271 -30.42 5.87 -6.86
N ARG A 272 -29.52 5.76 -7.84
CA ARG A 272 -29.87 5.29 -9.20
C ARG A 272 -30.30 3.82 -9.19
N GLU A 273 -29.73 2.99 -8.31
CA GLU A 273 -29.97 1.52 -8.32
C GLU A 273 -31.08 1.16 -7.34
N GLY A 274 -31.50 2.11 -6.51
CA GLY A 274 -32.49 1.83 -5.46
C GLY A 274 -31.87 0.98 -4.37
N ILE A 275 -30.61 1.22 -4.00
CA ILE A 275 -29.93 0.45 -2.93
C ILE A 275 -29.54 1.44 -1.85
N ARG A 276 -29.93 1.16 -0.63
CA ARG A 276 -29.75 2.07 0.52
C ARG A 276 -28.40 1.74 1.16
N PRO A 277 -27.56 2.72 1.52
CA PRO A 277 -26.33 2.42 2.25
C PRO A 277 -26.58 2.15 3.74
N LEU A 278 -25.65 1.50 4.42
CA LEU A 278 -25.62 1.33 5.91
C LEU A 278 -25.22 2.64 6.56
N ALA A 279 -24.26 3.35 5.97
CA ALA A 279 -23.59 4.45 6.67
C ALA A 279 -22.73 5.29 5.74
N ARG A 280 -22.50 6.51 6.21
CA ARG A 280 -21.68 7.51 5.52
C ARG A 280 -20.36 7.60 6.26
N ILE A 281 -19.26 7.63 5.51
CA ILE A 281 -17.93 8.02 6.03
C ILE A 281 -17.84 9.56 6.04
N LEU A 282 -17.56 10.14 7.20
CA LEU A 282 -17.51 11.59 7.44
C LEU A 282 -16.09 12.11 7.40
N ALA A 283 -15.16 11.37 8.04
CA ALA A 283 -13.80 11.88 8.28
C ALA A 283 -12.87 10.77 8.76
N SER A 284 -11.58 10.97 8.54
CA SER A 284 -10.50 10.13 9.09
C SER A 284 -9.40 11.05 9.60
N ALA A 285 -8.52 10.52 10.42
CA ALA A 285 -7.27 11.18 10.85
C ALA A 285 -6.23 10.10 11.07
N SER A 286 -4.99 10.41 10.73
CA SER A 286 -3.76 9.63 11.00
C SER A 286 -2.81 10.50 11.83
N VAL A 287 -2.23 9.93 12.87
CA VAL A 287 -1.21 10.57 13.74
C VAL A 287 -0.04 9.60 13.95
N GLY A 288 1.15 10.16 14.19
CA GLY A 288 2.32 9.41 14.67
C GLY A 288 2.48 9.67 16.15
N VAL A 289 2.98 8.71 16.90
CA VAL A 289 3.40 8.90 18.32
C VAL A 289 4.77 8.23 18.49
N GLU A 290 5.32 8.32 19.70
CA GLU A 290 6.57 7.62 20.07
C GLU A 290 6.35 6.13 19.82
N PRO A 291 7.22 5.46 19.05
CA PRO A 291 7.13 4.01 18.83
C PRO A 291 6.92 3.17 20.11
N ARG A 292 7.59 3.55 21.20
CA ARG A 292 7.57 2.80 22.46
C ARG A 292 6.18 2.90 23.12
N LEU A 293 5.35 3.91 22.79
CA LEU A 293 3.98 4.10 23.36
C LEU A 293 2.93 4.02 22.27
N MET A 294 3.16 3.19 21.26
CA MET A 294 2.37 3.16 20.00
C MET A 294 0.87 3.01 20.32
N GLY A 295 0.55 2.35 21.44
CA GLY A 295 -0.81 1.94 21.85
C GLY A 295 -1.72 3.11 22.16
N ILE A 296 -1.19 4.31 22.43
CA ILE A 296 -2.03 5.53 22.66
C ILE A 296 -2.26 6.31 21.36
N GLY A 297 -1.73 5.81 20.22
CA GLY A 297 -2.05 6.22 18.83
C GLY A 297 -3.52 6.66 18.68
N PRO A 298 -4.48 5.76 18.98
CA PRO A 298 -5.90 6.07 18.85
C PRO A 298 -6.45 7.33 19.55
N GLN A 299 -5.88 7.80 20.67
CA GLN A 299 -6.48 8.93 21.41
C GLN A 299 -6.50 10.19 20.54
N GLN A 300 -5.35 10.51 19.96
CA GLN A 300 -5.21 11.74 19.14
C GLN A 300 -5.88 11.51 17.77
N ALA A 301 -5.76 10.34 17.15
CA ALA A 301 -6.48 10.06 15.88
C ALA A 301 -8.00 10.24 16.08
N ILE A 302 -8.55 9.74 17.19
CA ILE A 302 -10.02 9.83 17.47
C ILE A 302 -10.40 11.32 17.62
N LEU A 303 -9.66 12.09 18.41
CA LEU A 303 -9.98 13.53 18.63
C LEU A 303 -9.93 14.28 17.30
N ARG A 304 -8.92 14.06 16.46
CA ARG A 304 -8.81 14.75 15.17
C ARG A 304 -9.93 14.33 14.22
N ALA A 305 -10.25 13.03 14.15
CA ALA A 305 -11.35 12.55 13.30
C ALA A 305 -12.69 13.21 13.75
N LEU A 306 -12.95 13.27 15.07
CA LEU A 306 -14.23 13.82 15.61
C LEU A 306 -14.26 15.30 15.22
N GLN A 307 -13.14 16.00 15.39
CA GLN A 307 -13.04 17.44 15.05
C GLN A 307 -13.32 17.61 13.56
N ARG A 308 -12.74 16.78 12.69
CA ARG A 308 -12.97 16.93 11.24
C ARG A 308 -14.43 16.62 10.92
N ALA A 309 -15.04 15.72 11.68
CA ALA A 309 -16.42 15.25 11.43
C ALA A 309 -17.41 16.28 11.99
N GLY A 310 -16.96 17.21 12.85
CA GLY A 310 -17.79 18.23 13.52
C GLY A 310 -18.70 17.65 14.57
N ILE A 311 -18.30 16.56 15.24
CA ILE A 311 -19.11 15.97 16.33
C ILE A 311 -18.28 15.88 17.61
N ASP A 312 -19.00 15.65 18.69
CA ASP A 312 -18.50 15.46 20.07
C ASP A 312 -18.54 13.97 20.39
N LEU A 313 -17.62 13.49 21.23
CA LEU A 313 -17.56 12.08 21.69
C LEU A 313 -18.89 11.65 22.34
N ASP A 314 -19.62 12.58 22.97
CA ASP A 314 -20.89 12.20 23.65
C ASP A 314 -21.99 11.92 22.60
N GLU A 315 -21.84 12.35 21.34
CA GLU A 315 -22.79 12.02 20.24
C GLU A 315 -22.47 10.64 19.69
N VAL A 316 -21.33 10.07 20.05
CA VAL A 316 -20.91 8.76 19.48
C VAL A 316 -21.63 7.64 20.23
N GLY A 317 -22.31 6.76 19.50
CA GLY A 317 -23.05 5.62 20.09
C GLY A 317 -22.23 4.33 20.15
N LEU A 318 -21.08 4.27 19.48
CA LEU A 318 -20.36 2.99 19.27
C LEU A 318 -18.90 3.34 18.99
N ILE A 319 -18.00 2.74 19.76
CA ILE A 319 -16.53 2.94 19.67
C ILE A 319 -15.87 1.58 19.41
N GLU A 320 -15.28 1.36 18.24
CA GLU A 320 -14.39 0.18 18.03
C GLU A 320 -12.95 0.64 18.16
N ILE A 321 -12.28 0.41 19.30
CA ILE A 321 -10.80 0.56 19.43
C ILE A 321 -10.19 -0.85 19.35
N ASN A 322 -9.30 -1.09 18.39
CA ASN A 322 -8.76 -2.47 18.23
C ASN A 322 -8.07 -2.87 19.55
N GLU A 323 -8.35 -4.06 20.02
CA GLU A 323 -7.78 -4.59 21.28
C GLU A 323 -6.47 -5.35 20.96
N ALA A 324 -5.42 -4.66 20.55
CA ALA A 324 -4.03 -5.18 20.49
C ALA A 324 -3.60 -5.75 21.86
N PHE A 325 -3.60 -4.89 22.89
CA PHE A 325 -3.36 -5.25 24.31
C PHE A 325 -4.41 -4.53 25.17
N ALA A 326 -5.04 -5.24 26.10
CA ALA A 326 -6.01 -4.62 27.02
C ALA A 326 -5.45 -3.33 27.64
N PRO A 327 -4.18 -3.26 28.11
CA PRO A 327 -3.67 -2.03 28.72
C PRO A 327 -3.60 -0.80 27.79
N GLN A 328 -3.34 -1.00 26.48
CA GLN A 328 -3.37 0.14 25.52
C GLN A 328 -4.80 0.58 25.27
N VAL A 329 -5.79 -0.31 25.23
CA VAL A 329 -7.21 0.13 25.10
C VAL A 329 -7.59 0.95 26.34
N LEU A 330 -7.28 0.45 27.54
CA LEU A 330 -7.64 1.16 28.79
C LEU A 330 -6.90 2.50 28.79
N ALA A 331 -5.67 2.54 28.29
CA ALA A 331 -4.91 3.81 28.32
C ALA A 331 -5.60 4.83 27.40
N CYS A 332 -6.06 4.40 26.22
CA CYS A 332 -6.78 5.29 25.28
C CYS A 332 -8.06 5.80 25.94
N LEU A 333 -8.78 4.91 26.61
CA LEU A 333 -10.09 5.24 27.22
C LEU A 333 -9.85 6.28 28.32
N LYS A 334 -8.78 6.09 29.09
CA LYS A 334 -8.43 6.98 30.21
C LYS A 334 -8.13 8.36 29.64
N LEU A 335 -7.30 8.43 28.59
CA LEU A 335 -6.89 9.71 27.95
C LEU A 335 -8.08 10.39 27.30
N LEU A 336 -9.12 9.66 26.90
CA LEU A 336 -10.32 10.27 26.31
C LEU A 336 -11.32 10.64 27.43
N GLY A 337 -11.01 10.33 28.70
CA GLY A 337 -11.88 10.60 29.86
C GLY A 337 -13.08 9.66 29.93
N LEU A 338 -12.97 8.43 29.43
CA LEU A 338 -14.11 7.46 29.43
C LEU A 338 -13.83 6.41 30.49
N ASP A 339 -14.89 5.77 31.04
CA ASP A 339 -14.69 4.67 32.01
C ASP A 339 -14.17 3.46 31.24
N TYR A 340 -13.43 2.57 31.92
CA TYR A 340 -12.81 1.35 31.33
C TYR A 340 -13.91 0.43 30.77
N GLU A 341 -15.12 0.52 31.32
CA GLU A 341 -16.25 -0.42 31.05
C GLU A 341 -17.36 0.33 30.29
N ASP A 342 -17.04 1.47 29.66
CA ASP A 342 -17.99 2.20 28.75
C ASP A 342 -18.66 1.20 27.82
N PRO A 343 -20.00 1.10 27.84
CA PRO A 343 -20.70 0.09 27.05
C PRO A 343 -20.67 0.28 25.52
N ARG A 344 -20.27 1.46 25.05
CA ARG A 344 -20.10 1.78 23.60
C ARG A 344 -18.88 1.07 23.02
N VAL A 345 -17.92 0.69 23.87
CA VAL A 345 -16.56 0.23 23.49
C VAL A 345 -16.60 -1.25 23.12
N ASN A 346 -16.43 -1.56 21.83
CA ASN A 346 -16.30 -2.96 21.36
C ASN A 346 -17.46 -3.78 21.92
N PRO A 347 -18.72 -3.35 21.72
CA PRO A 347 -19.83 -3.93 22.46
C PRO A 347 -20.14 -5.39 22.07
N HIS A 348 -19.63 -5.88 20.92
CA HIS A 348 -19.83 -7.28 20.45
C HIS A 348 -18.52 -8.09 20.59
N GLY A 349 -17.61 -7.65 21.44
CA GLY A 349 -16.27 -8.24 21.58
C GLY A 349 -15.27 -7.51 20.71
N GLY A 350 -13.99 -7.67 21.02
CA GLY A 350 -12.84 -7.20 20.22
C GLY A 350 -11.82 -8.30 20.00
N ALA A 351 -10.63 -7.90 19.53
CA ALA A 351 -9.52 -8.76 19.06
C ALA A 351 -9.01 -9.70 20.17
N ILE A 352 -9.14 -9.35 21.43
CA ILE A 352 -8.76 -10.29 22.52
C ILE A 352 -9.53 -11.60 22.30
N ALA A 353 -10.81 -11.50 21.97
CA ALA A 353 -11.70 -12.63 21.69
C ALA A 353 -11.52 -13.11 20.26
N LEU A 354 -11.57 -12.18 19.30
CA LEU A 354 -11.71 -12.50 17.85
C LEU A 354 -10.35 -12.74 17.16
N GLY A 355 -9.26 -12.27 17.77
CA GLY A 355 -7.91 -12.34 17.15
C GLY A 355 -7.57 -11.11 16.31
N HIS A 356 -6.37 -11.07 15.75
CA HIS A 356 -5.84 -9.87 15.09
C HIS A 356 -5.04 -10.23 13.84
N PRO A 357 -5.72 -10.65 12.76
CA PRO A 357 -5.07 -10.79 11.46
C PRO A 357 -4.79 -9.38 10.93
N LEU A 358 -3.55 -8.90 11.11
CA LEU A 358 -3.16 -7.47 11.09
C LEU A 358 -3.90 -6.72 9.97
N GLY A 359 -3.69 -7.12 8.73
CA GLY A 359 -4.26 -6.39 7.59
C GLY A 359 -5.78 -6.36 7.57
N ALA A 360 -6.43 -7.37 8.13
CA ALA A 360 -7.90 -7.48 8.08
C ALA A 360 -8.61 -6.71 9.21
N SER A 361 -8.01 -6.58 10.39
CA SER A 361 -8.71 -6.10 11.61
C SER A 361 -9.33 -4.71 11.35
N GLY A 362 -8.63 -3.75 10.73
CA GLY A 362 -9.23 -2.42 10.60
C GLY A 362 -10.44 -2.50 9.73
N ALA A 363 -10.50 -3.45 8.78
CA ALA A 363 -11.65 -3.60 7.88
C ALA A 363 -12.79 -4.30 8.61
N ARG A 364 -12.47 -5.25 9.49
CA ARG A 364 -13.52 -5.82 10.37
C ARG A 364 -14.18 -4.69 11.19
N LEU A 365 -13.37 -3.79 11.80
CA LEU A 365 -13.92 -2.72 12.64
C LEU A 365 -14.87 -1.84 11.82
N VAL A 366 -14.55 -1.50 10.57
CA VAL A 366 -15.46 -0.69 9.68
C VAL A 366 -16.78 -1.42 9.51
N LEU A 367 -16.75 -2.70 9.16
CA LEU A 367 -17.97 -3.50 8.86
C LEU A 367 -18.82 -3.70 10.13
N THR A 368 -18.20 -4.07 11.24
CA THR A 368 -18.91 -4.37 12.52
C THR A 368 -19.49 -3.08 13.10
N ALA A 369 -18.85 -1.94 12.92
CA ALA A 369 -19.37 -0.63 13.38
C ALA A 369 -20.58 -0.22 12.55
N ALA A 370 -20.53 -0.35 11.22
CA ALA A 370 -21.64 0.00 10.31
C ALA A 370 -22.86 -0.86 10.64
N ARG A 371 -22.65 -2.15 10.88
CA ARG A 371 -23.71 -3.10 11.25
C ARG A 371 -24.21 -2.78 12.66
N GLY A 372 -23.34 -2.52 13.62
CA GLY A 372 -23.73 -2.26 15.02
C GLY A 372 -24.50 -0.94 15.12
N LEU A 373 -24.19 0.03 14.27
CA LEU A 373 -24.87 1.36 14.28
C LEU A 373 -26.37 1.18 14.05
N GLN A 374 -26.78 0.11 13.35
CA GLN A 374 -28.20 -0.14 12.96
C GLN A 374 -29.05 -0.50 14.20
N ARG A 375 -28.44 -0.79 15.35
CA ARG A 375 -29.17 -1.29 16.54
C ARG A 375 -29.17 -0.27 17.68
N ILE A 376 -28.81 1.00 17.49
CA ILE A 376 -28.65 1.96 18.62
C ILE A 376 -29.26 3.33 18.27
N GLU A 377 -29.46 4.19 19.27
CA GLU A 377 -30.17 5.50 19.15
C GLU A 377 -29.22 6.50 18.47
N ARG A 378 -27.99 6.64 18.94
CA ARG A 378 -27.07 7.69 18.42
C ARG A 378 -26.62 7.32 16.99
N ARG A 379 -26.27 8.33 16.18
CA ARG A 379 -26.05 8.25 14.71
C ARG A 379 -24.59 7.88 14.39
N TYR A 380 -23.65 8.09 15.32
CA TYR A 380 -22.21 8.14 14.96
C TYR A 380 -21.47 6.97 15.59
N ALA A 381 -20.50 6.44 14.85
CA ALA A 381 -19.52 5.49 15.40
C ALA A 381 -18.11 5.97 15.04
N VAL A 382 -17.17 5.71 15.93
CA VAL A 382 -15.74 5.90 15.63
C VAL A 382 -15.06 4.52 15.72
N VAL A 383 -14.16 4.30 14.77
CA VAL A 383 -13.33 3.08 14.56
C VAL A 383 -11.87 3.55 14.65
N SER A 384 -11.02 2.86 15.41
CA SER A 384 -9.63 3.29 15.60
C SER A 384 -8.71 2.10 15.92
N LEU A 385 -7.48 2.10 15.39
CA LEU A 385 -6.42 1.10 15.71
C LEU A 385 -5.14 1.82 16.06
N CYS A 386 -4.41 1.31 17.05
CA CYS A 386 -2.99 1.69 17.25
C CYS A 386 -2.18 0.95 16.18
N VAL A 387 -0.98 1.43 15.82
CA VAL A 387 -0.10 0.92 14.75
C VAL A 387 1.32 0.75 15.29
N GLY A 388 1.93 -0.42 15.04
CA GLY A 388 3.37 -0.69 15.22
C GLY A 388 4.23 0.46 14.71
N LEU A 389 5.23 0.85 15.52
CA LEU A 389 6.20 1.94 15.22
C LEU A 389 5.53 3.31 15.46
N GLY A 390 4.34 3.30 16.08
CA GLY A 390 3.71 4.50 16.70
C GLY A 390 2.86 5.27 15.71
N GLN A 391 1.70 4.74 15.37
CA GLN A 391 0.64 5.51 14.66
C GLN A 391 -0.72 5.17 15.24
N GLY A 392 -1.67 6.08 14.99
CA GLY A 392 -3.09 5.96 15.28
C GLY A 392 -3.86 6.34 14.03
N VAL A 393 -4.86 5.55 13.67
CA VAL A 393 -5.78 5.86 12.56
C VAL A 393 -7.21 5.79 13.12
N ALA A 394 -8.02 6.78 12.84
CA ALA A 394 -9.43 6.82 13.30
C ALA A 394 -10.33 7.21 12.14
N MET A 395 -11.57 6.73 12.15
CA MET A 395 -12.55 7.11 11.12
C MET A 395 -13.89 7.30 11.83
N VAL A 396 -14.61 8.37 11.50
CA VAL A 396 -16.01 8.60 11.98
C VAL A 396 -17.02 8.18 10.90
N ILE A 397 -18.06 7.42 11.24
CA ILE A 397 -19.17 7.14 10.29
C ILE A 397 -20.50 7.51 10.92
N GLU A 398 -21.49 7.65 10.06
CA GLU A 398 -22.86 8.07 10.44
C GLU A 398 -23.86 7.07 9.84
N ARG A 399 -24.78 6.55 10.65
CA ARG A 399 -25.90 5.69 10.17
C ARG A 399 -26.73 6.48 9.15
N CYS A 400 -27.16 5.81 8.07
CA CYS A 400 -27.99 6.42 7.00
C CYS A 400 -29.48 6.34 7.32
N ARG A 401 -30.02 5.14 7.55
CA ARG A 401 -31.49 4.89 7.73
C ARG A 401 -31.95 5.48 9.07
N MET B 1 -12.34 17.54 -10.44
CA MET B 1 -10.99 18.06 -10.64
C MET B 1 -10.24 17.94 -9.29
N LEU B 2 -9.11 17.23 -9.29
CA LEU B 2 -8.21 17.18 -8.13
C LEU B 2 -7.69 18.61 -7.95
N ASP B 3 -7.18 18.88 -6.76
CA ASP B 3 -6.82 20.23 -6.31
C ASP B 3 -5.60 20.10 -5.41
N ALA B 4 -4.52 19.52 -5.93
CA ALA B 4 -3.28 19.31 -5.17
C ALA B 4 -2.18 19.96 -5.97
N TYR B 5 -1.19 20.52 -5.30
CA TYR B 5 -0.06 21.15 -6.00
C TYR B 5 1.24 20.38 -5.71
N ILE B 6 2.07 20.20 -6.72
CA ILE B 6 3.47 19.72 -6.59
C ILE B 6 4.35 20.94 -6.33
N TYR B 7 4.95 21.05 -5.13
CA TYR B 7 5.80 22.19 -4.73
C TYR B 7 7.28 21.91 -5.01
N ALA B 8 7.72 20.67 -4.80
CA ALA B 8 9.14 20.33 -4.86
C ALA B 8 9.27 18.82 -5.03
N GLY B 9 10.52 18.37 -5.23
CA GLY B 9 10.81 16.95 -5.35
C GLY B 9 12.25 16.70 -5.63
N LEU B 10 12.68 15.48 -5.32
CA LEU B 10 14.06 15.02 -5.55
C LEU B 10 14.00 13.51 -5.74
N ARG B 11 14.97 12.99 -6.45
CA ARG B 11 15.13 11.55 -6.66
C ARG B 11 16.61 11.26 -6.46
N THR B 12 16.94 10.03 -6.08
CA THR B 12 18.33 9.55 -6.10
C THR B 12 18.67 9.36 -7.58
N PRO B 13 19.97 9.21 -7.89
CA PRO B 13 20.36 8.56 -9.12
C PRO B 13 19.78 7.13 -9.01
N PHE B 14 19.44 6.56 -10.15
CA PHE B 14 19.00 5.15 -10.30
C PHE B 14 20.26 4.28 -10.54
N GLY B 15 20.46 3.26 -9.71
CA GLY B 15 21.59 2.30 -9.77
C GLY B 15 21.29 1.04 -10.57
N ARG B 16 22.34 0.42 -11.10
CA ARG B 16 22.25 -0.91 -11.76
C ARG B 16 22.18 -1.95 -10.63
N HIS B 17 21.63 -3.13 -10.94
CA HIS B 17 21.62 -4.31 -10.04
C HIS B 17 23.04 -4.56 -9.53
N ALA B 18 23.21 -4.76 -8.21
CA ALA B 18 24.50 -4.91 -7.54
C ALA B 18 25.42 -3.73 -7.87
N GLY B 19 24.86 -2.54 -8.14
CA GLY B 19 25.60 -1.38 -8.66
C GLY B 19 25.87 -0.32 -7.61
N ALA B 20 25.81 0.95 -8.04
CA ALA B 20 26.33 2.11 -7.27
C ALA B 20 25.52 2.34 -5.99
N LEU B 21 24.27 1.87 -5.91
CA LEU B 21 23.45 2.06 -4.70
C LEU B 21 23.17 0.71 -3.99
N SER B 22 23.80 -0.39 -4.39
CA SER B 22 23.50 -1.73 -3.81
C SER B 22 23.78 -1.78 -2.31
N THR B 23 24.65 -0.91 -1.78
CA THR B 23 24.94 -0.83 -0.32
C THR B 23 23.87 0.01 0.42
N VAL B 24 22.98 0.71 -0.28
CA VAL B 24 22.03 1.62 0.44
C VAL B 24 20.73 0.87 0.70
N ARG B 25 20.36 0.76 1.98
CA ARG B 25 19.04 0.22 2.38
C ARG B 25 17.94 1.08 1.74
N PRO B 26 16.83 0.47 1.26
CA PRO B 26 15.76 1.19 0.58
C PRO B 26 15.10 2.21 1.50
N ASP B 27 15.03 1.93 2.81
CA ASP B 27 14.46 2.90 3.79
C ASP B 27 15.39 4.11 3.88
N ASP B 28 16.70 3.91 3.73
CA ASP B 28 17.71 4.99 3.86
C ASP B 28 17.69 5.82 2.57
N LEU B 29 17.54 5.15 1.42
CA LEU B 29 17.42 5.80 0.10
C LEU B 29 16.24 6.79 0.16
N ALA B 30 15.07 6.32 0.62
CA ALA B 30 13.82 7.10 0.74
C ALA B 30 14.06 8.17 1.78
N GLY B 31 14.68 7.79 2.89
CA GLY B 31 14.90 8.69 4.03
C GLY B 31 15.76 9.92 3.70
N LEU B 32 16.81 9.71 2.90
CA LEU B 32 17.70 10.81 2.41
C LEU B 32 16.84 11.89 1.74
N LEU B 33 15.96 11.48 0.81
CA LEU B 33 15.04 12.37 0.07
C LEU B 33 14.03 13.02 1.03
N LEU B 34 13.42 12.27 1.93
CA LEU B 34 12.44 12.79 2.93
C LEU B 34 13.10 13.90 3.75
N ALA B 35 14.31 13.66 4.22
CA ALA B 35 15.07 14.60 5.08
C ALA B 35 15.47 15.86 4.30
N ARG B 36 15.98 15.70 3.08
CA ARG B 36 16.47 16.87 2.34
C ARG B 36 15.26 17.77 1.98
N LEU B 37 14.14 17.20 1.56
CA LEU B 37 12.90 17.99 1.25
C LEU B 37 12.37 18.63 2.52
N ALA B 38 12.24 17.89 3.63
CA ALA B 38 11.85 18.44 4.94
C ALA B 38 12.70 19.67 5.28
N GLU B 39 13.97 19.69 4.94
CA GLU B 39 14.96 20.71 5.42
C GLU B 39 15.03 21.91 4.48
N THR B 40 14.63 21.76 3.21
CA THR B 40 14.88 22.76 2.12
C THR B 40 13.61 23.18 1.38
N SER B 41 12.42 22.61 1.64
CA SER B 41 11.18 22.98 0.91
C SER B 41 10.82 24.46 1.18
N GLY B 42 11.12 24.96 2.40
CA GLY B 42 10.60 26.24 2.91
C GLY B 42 9.29 26.04 3.68
N PHE B 43 8.68 24.85 3.67
CA PHE B 43 7.52 24.55 4.55
C PHE B 43 7.98 24.10 5.93
N ALA B 44 7.16 24.35 6.96
CA ALA B 44 7.36 23.82 8.34
C ALA B 44 7.13 22.32 8.32
N VAL B 45 8.03 21.56 8.93
CA VAL B 45 7.96 20.07 8.92
C VAL B 45 6.67 19.66 9.63
N ASP B 46 6.19 20.51 10.56
CA ASP B 46 4.99 20.29 11.42
C ASP B 46 3.67 20.33 10.62
N ASP B 47 3.64 20.94 9.44
CA ASP B 47 2.45 20.93 8.56
C ASP B 47 2.38 19.66 7.71
N LEU B 48 3.41 18.81 7.75
CA LEU B 48 3.34 17.56 6.94
C LEU B 48 2.34 16.66 7.61
N GLU B 49 1.41 16.15 6.82
CA GLU B 49 0.31 15.30 7.33
C GLU B 49 0.69 13.82 7.29
N ASP B 50 1.38 13.36 6.26
CA ASP B 50 1.57 11.90 6.05
C ASP B 50 2.66 11.73 5.00
N VAL B 51 3.34 10.59 5.04
CA VAL B 51 4.33 10.17 4.01
C VAL B 51 3.75 8.95 3.30
N ILE B 52 3.62 9.00 1.99
CA ILE B 52 3.04 7.85 1.23
C ILE B 52 4.09 7.39 0.23
N LEU B 53 4.58 6.15 0.37
CA LEU B 53 5.66 5.61 -0.49
C LEU B 53 5.15 4.37 -1.24
N GLY B 54 5.37 4.31 -2.55
CA GLY B 54 5.18 3.08 -3.32
C GLY B 54 6.38 2.13 -3.14
N CYS B 55 6.12 0.84 -2.98
CA CYS B 55 7.17 -0.20 -2.89
C CYS B 55 6.56 -1.53 -3.32
N THR B 56 7.09 -2.20 -4.34
CA THR B 56 6.45 -3.43 -4.89
C THR B 56 6.83 -4.66 -4.08
N ASN B 57 7.78 -4.58 -3.18
CA ASN B 57 8.40 -5.77 -2.57
C ASN B 57 7.89 -5.87 -1.13
N GLN B 58 8.53 -5.18 -0.20
CA GLN B 58 8.09 -5.02 1.21
C GLN B 58 8.36 -6.31 2.00
N ALA B 59 9.26 -7.17 1.50
CA ALA B 59 9.68 -8.43 2.15
C ALA B 59 10.94 -8.21 2.98
N GLY B 60 11.74 -7.16 2.70
CA GLY B 60 13.09 -7.02 3.25
C GLY B 60 13.30 -5.82 4.16
N GLU B 61 14.27 -4.97 3.84
CA GLU B 61 14.53 -3.77 4.66
C GLU B 61 13.41 -2.75 4.41
N ASP B 62 12.64 -2.97 3.33
CA ASP B 62 11.50 -2.16 2.87
C ASP B 62 10.21 -2.71 3.51
N SER B 63 10.34 -3.57 4.52
CA SER B 63 9.20 -4.33 5.08
C SER B 63 8.58 -3.58 6.26
N ARG B 64 7.37 -3.98 6.65
CA ARG B 64 6.76 -3.43 7.88
C ARG B 64 6.52 -1.91 7.75
N ASN B 65 6.15 -1.43 6.56
CA ASN B 65 5.69 -0.03 6.28
C ASN B 65 6.92 0.85 6.11
N LEU B 66 7.50 0.77 4.92
CA LEU B 66 8.73 1.48 4.48
C LEU B 66 8.59 2.97 4.78
N ALA B 67 7.44 3.58 4.48
CA ALA B 67 7.22 5.03 4.65
C ALA B 67 7.59 5.43 6.07
N ARG B 68 6.99 4.79 7.05
CA ARG B 68 7.20 5.11 8.49
C ARG B 68 8.65 4.80 8.89
N ASN B 69 9.24 3.72 8.40
CA ASN B 69 10.60 3.32 8.86
C ASN B 69 11.57 4.31 8.27
N ALA B 70 11.35 4.68 7.00
CA ALA B 70 12.18 5.65 6.28
C ALA B 70 12.11 7.01 6.98
N LEU B 71 10.92 7.53 7.32
CA LEU B 71 10.85 8.88 7.92
C LEU B 71 11.44 8.87 9.34
N LEU B 72 11.35 7.79 10.09
CA LEU B 72 11.93 7.78 11.47
C LEU B 72 13.47 7.73 11.37
N ALA B 73 14.00 6.90 10.48
CA ALA B 73 15.44 6.61 10.33
C ALA B 73 16.15 7.86 9.80
N ALA B 74 15.49 8.64 8.92
CA ALA B 74 15.94 9.95 8.38
C ALA B 74 15.84 11.11 9.40
N GLY B 75 15.22 10.90 10.56
CA GLY B 75 15.13 11.94 11.62
C GLY B 75 13.94 12.89 11.46
N LEU B 76 12.97 12.61 10.56
CA LEU B 76 11.68 13.35 10.57
C LEU B 76 11.01 13.08 11.92
N PRO B 77 10.08 13.93 12.39
CA PRO B 77 9.47 13.71 13.69
C PRO B 77 8.55 12.47 13.81
N ALA B 78 8.50 11.90 15.01
CA ALA B 78 7.72 10.71 15.38
C ALA B 78 6.23 11.00 15.22
N ARG B 79 5.81 12.27 15.32
CA ARG B 79 4.40 12.70 15.14
C ARG B 79 3.96 12.48 13.67
N LEU B 80 4.86 12.26 12.72
CA LEU B 80 4.49 12.23 11.28
C LEU B 80 4.15 10.81 10.82
N PRO B 81 2.87 10.50 10.48
CA PRO B 81 2.56 9.15 10.02
C PRO B 81 3.06 8.85 8.60
N GLY B 82 2.95 7.57 8.24
CA GLY B 82 3.31 7.07 6.92
C GLY B 82 2.61 5.78 6.59
N GLN B 83 2.44 5.54 5.29
CA GLN B 83 1.84 4.31 4.73
C GLN B 83 2.55 3.97 3.42
N THR B 84 2.58 2.69 3.07
CA THR B 84 3.23 2.15 1.86
C THR B 84 2.13 1.59 0.99
N VAL B 85 2.32 1.76 -0.32
CA VAL B 85 1.36 1.43 -1.38
C VAL B 85 2.04 0.52 -2.41
N ASN B 86 1.30 -0.43 -2.96
CA ASN B 86 1.77 -1.43 -3.94
C ASN B 86 0.72 -1.54 -5.02
N ARG B 87 1.03 -1.00 -6.18
CA ARG B 87 0.29 -1.28 -7.42
C ARG B 87 1.37 -1.70 -8.40
N LEU B 88 2.28 -2.58 -7.94
CA LEU B 88 3.47 -3.00 -8.73
C LEU B 88 4.14 -1.78 -9.39
N CYS B 89 4.25 -1.78 -10.73
CA CYS B 89 5.03 -0.82 -11.57
C CYS B 89 4.48 0.63 -11.43
N ALA B 90 3.20 0.83 -11.12
CA ALA B 90 2.59 2.15 -10.93
C ALA B 90 2.64 2.59 -9.45
N SER B 91 3.29 1.84 -8.56
CA SER B 91 3.34 2.12 -7.09
C SER B 91 3.67 3.61 -6.78
N GLY B 92 4.76 4.19 -7.32
CA GLY B 92 5.20 5.58 -7.01
C GLY B 92 4.19 6.65 -7.49
N LEU B 93 3.48 6.38 -8.58
CA LEU B 93 2.48 7.30 -9.17
C LEU B 93 1.22 7.19 -8.32
N SER B 94 0.85 5.97 -7.93
CA SER B 94 -0.33 5.69 -7.06
C SER B 94 -0.10 6.34 -5.69
N ALA B 95 1.11 6.38 -5.16
CA ALA B 95 1.36 7.07 -3.87
C ALA B 95 1.03 8.57 -4.02
N VAL B 96 1.35 9.19 -5.16
CA VAL B 96 1.18 10.65 -5.40
C VAL B 96 -0.31 10.94 -5.59
N ILE B 97 -0.97 10.11 -6.40
CA ILE B 97 -2.44 10.12 -6.60
C ILE B 97 -3.18 10.07 -5.25
N ASP B 98 -2.80 9.17 -4.37
CA ASP B 98 -3.50 8.99 -3.07
C ASP B 98 -3.29 10.25 -2.21
N ALA B 99 -2.06 10.76 -2.10
CA ALA B 99 -1.76 12.04 -1.44
C ALA B 99 -2.56 13.18 -2.12
N ALA B 100 -2.68 13.21 -3.44
CA ALA B 100 -3.41 14.29 -4.15
C ALA B 100 -4.89 14.26 -3.76
N ARG B 101 -5.48 13.08 -3.70
CA ARG B 101 -6.90 12.86 -3.31
C ARG B 101 -7.11 13.27 -1.87
N ALA B 102 -6.21 12.83 -0.98
CA ALA B 102 -6.24 13.24 0.43
C ALA B 102 -6.34 14.77 0.51
N ILE B 103 -5.41 15.48 -0.16
CA ILE B 103 -5.34 16.96 -0.14
C ILE B 103 -6.65 17.54 -0.69
N SER B 104 -7.16 16.97 -1.80
CA SER B 104 -8.35 17.44 -2.54
C SER B 104 -9.59 17.38 -1.64
N CYS B 105 -9.58 16.44 -0.69
CA CYS B 105 -10.64 16.21 0.32
C CYS B 105 -10.51 17.12 1.52
N GLY B 106 -9.43 17.86 1.65
CA GLY B 106 -9.20 18.68 2.85
C GLY B 106 -8.63 17.87 3.99
N GLU B 107 -8.01 16.70 3.74
CA GLU B 107 -7.43 15.89 4.85
C GLU B 107 -5.92 16.07 4.81
N GLY B 108 -5.45 17.18 5.37
CA GLY B 108 -4.05 17.62 5.44
C GLY B 108 -3.71 18.56 4.31
N ARG B 109 -2.72 19.42 4.55
CA ARG B 109 -2.35 20.54 3.64
C ARG B 109 -1.09 20.19 2.86
N LEU B 110 -0.34 19.20 3.33
CA LEU B 110 1.05 18.93 2.89
C LEU B 110 1.34 17.43 3.01
N TYR B 111 1.76 16.79 1.94
CA TYR B 111 2.14 15.35 1.92
C TYR B 111 3.50 15.17 1.22
N LEU B 112 4.30 14.23 1.71
CA LEU B 112 5.43 13.68 0.94
C LEU B 112 4.96 12.36 0.34
N ALA B 113 5.12 12.21 -0.96
CA ALA B 113 4.65 11.03 -1.68
C ALA B 113 5.68 10.67 -2.74
N GLY B 114 5.92 9.39 -2.90
CA GLY B 114 6.76 8.88 -3.98
C GLY B 114 6.86 7.36 -3.86
N GLY B 115 8.07 6.87 -4.09
CA GLY B 115 8.40 5.45 -4.15
C GLY B 115 9.89 5.19 -4.01
N ALA B 116 10.20 3.95 -3.69
CA ALA B 116 11.57 3.46 -3.47
C ALA B 116 11.59 1.97 -3.77
N GLU B 117 12.72 1.50 -4.30
CA GLU B 117 13.04 0.05 -4.42
C GLU B 117 14.54 -0.15 -4.36
N SER B 118 14.95 -1.19 -3.64
CA SER B 118 16.28 -1.81 -3.75
C SER B 118 16.10 -3.20 -4.32
N MET B 119 15.97 -3.34 -5.63
CA MET B 119 15.92 -4.66 -6.31
C MET B 119 17.26 -5.43 -6.11
N SER B 120 18.34 -4.75 -5.73
CA SER B 120 19.64 -5.34 -5.33
C SER B 120 19.43 -6.08 -4.02
N ARG B 121 18.72 -5.43 -3.10
CA ARG B 121 18.71 -5.89 -1.69
C ARG B 121 17.43 -6.66 -1.38
N ALA B 122 16.60 -6.91 -2.38
CA ALA B 122 15.38 -7.72 -2.25
C ALA B 122 15.75 -9.10 -1.68
N PRO B 123 15.04 -9.65 -0.66
CA PRO B 123 15.49 -10.92 -0.11
C PRO B 123 14.96 -12.14 -0.86
N PHE B 124 15.47 -13.28 -0.42
CA PHE B 124 14.87 -14.59 -0.77
C PHE B 124 13.70 -14.80 0.18
N VAL B 125 12.64 -15.39 -0.32
CA VAL B 125 11.49 -15.75 0.55
C VAL B 125 11.21 -17.25 0.42
N MET B 126 10.80 -17.84 1.53
CA MET B 126 10.68 -19.31 1.70
C MET B 126 9.39 -19.65 2.43
N GLY B 127 8.52 -20.42 1.78
CA GLY B 127 7.25 -20.94 2.32
C GLY B 127 7.42 -21.65 3.66
N LYS B 128 6.41 -21.52 4.52
CA LYS B 128 6.25 -22.26 5.78
C LYS B 128 6.00 -23.73 5.41
N ALA B 129 6.38 -24.64 6.27
CA ALA B 129 5.94 -26.06 6.16
C ALA B 129 4.40 -26.17 6.29
N GLU B 130 3.78 -26.88 5.36
CA GLU B 130 2.33 -27.23 5.40
C GLU B 130 2.09 -28.57 6.13
N SER B 131 3.16 -29.23 6.66
CA SER B 131 3.12 -30.47 7.50
C SER B 131 4.48 -30.69 8.19
N ALA B 132 4.52 -31.34 9.36
CA ALA B 132 5.77 -31.66 10.10
C ALA B 132 6.74 -32.39 9.16
N PHE B 133 8.00 -31.94 9.11
CA PHE B 133 9.08 -32.58 8.33
C PHE B 133 8.73 -32.58 6.84
N SER B 134 7.94 -31.61 6.41
CA SER B 134 7.69 -31.44 4.95
C SER B 134 9.03 -31.39 4.20
N ARG B 135 9.09 -32.07 3.05
CA ARG B 135 10.23 -32.04 2.11
C ARG B 135 9.97 -30.99 1.00
N THR B 136 8.77 -30.43 0.90
CA THR B 136 8.44 -29.34 -0.05
C THR B 136 9.04 -28.04 0.48
N LEU B 137 9.88 -27.39 -0.30
CA LEU B 137 10.36 -26.03 0.03
C LEU B 137 10.17 -25.18 -1.21
N GLU B 138 9.38 -24.12 -1.13
CA GLU B 138 9.24 -23.15 -2.22
C GLU B 138 10.12 -21.96 -1.83
N VAL B 139 11.15 -21.70 -2.63
CA VAL B 139 12.11 -20.58 -2.42
C VAL B 139 12.10 -19.71 -3.68
N PHE B 140 12.02 -18.40 -3.47
CA PHE B 140 11.99 -17.42 -4.56
C PHE B 140 12.88 -16.22 -4.22
N ASP B 141 13.37 -15.62 -5.30
CA ASP B 141 13.99 -14.28 -5.34
C ASP B 141 12.88 -13.20 -5.34
N SER B 142 12.76 -12.35 -4.32
CA SER B 142 11.75 -11.23 -4.32
C SER B 142 12.19 -10.08 -5.26
N THR B 143 13.42 -10.11 -5.79
CA THR B 143 13.95 -9.08 -6.75
C THR B 143 12.91 -8.83 -7.84
N ILE B 144 12.41 -9.86 -8.51
CA ILE B 144 11.42 -9.69 -9.63
C ILE B 144 10.83 -11.04 -10.01
N GLY B 145 9.72 -11.04 -10.75
CA GLY B 145 9.08 -12.28 -11.23
C GLY B 145 8.03 -12.80 -10.26
N ALA B 146 7.13 -13.64 -10.78
CA ALA B 146 6.09 -14.37 -10.06
C ALA B 146 6.74 -15.20 -8.94
N ARG B 147 6.21 -15.14 -7.73
CA ARG B 147 6.59 -16.02 -6.60
C ARG B 147 5.30 -16.51 -5.94
N PHE B 148 5.27 -17.76 -5.50
CA PHE B 148 4.06 -18.40 -4.92
C PHE B 148 2.84 -18.13 -5.78
N ALA B 149 2.97 -18.27 -7.09
CA ALA B 149 1.88 -18.04 -8.06
C ALA B 149 0.62 -18.82 -7.66
N ASN B 150 -0.56 -18.22 -7.82
CA ASN B 150 -1.87 -18.86 -7.57
C ASN B 150 -2.26 -19.75 -8.75
N PRO B 151 -2.47 -21.08 -8.54
CA PRO B 151 -2.90 -22.00 -9.60
C PRO B 151 -4.15 -21.58 -10.36
N ARG B 152 -5.12 -20.97 -9.69
CA ARG B 152 -6.41 -20.55 -10.32
C ARG B 152 -6.14 -19.33 -11.21
N LEU B 153 -5.15 -18.50 -10.89
CA LEU B 153 -4.76 -17.33 -11.71
C LEU B 153 -4.07 -17.84 -12.98
N VAL B 154 -3.04 -18.69 -12.82
CA VAL B 154 -2.29 -19.30 -13.95
C VAL B 154 -3.26 -19.97 -14.95
N GLU B 155 -4.24 -20.75 -14.49
CA GLU B 155 -5.23 -21.45 -15.36
C GLU B 155 -6.00 -20.46 -16.23
N ARG B 156 -6.50 -19.34 -15.68
CA ARG B 156 -7.34 -18.38 -16.45
C ARG B 156 -6.48 -17.50 -17.36
N TYR B 157 -5.28 -17.08 -16.92
CA TYR B 157 -4.53 -15.93 -17.53
C TYR B 157 -3.11 -16.30 -17.98
N GLY B 158 -2.62 -17.51 -17.70
CA GLY B 158 -1.29 -17.97 -18.14
C GLY B 158 -0.22 -17.59 -17.15
N ASN B 159 1.06 -17.81 -17.49
CA ASN B 159 2.23 -17.55 -16.63
C ASN B 159 3.27 -16.69 -17.38
N ASP B 160 2.88 -15.98 -18.43
CA ASP B 160 3.80 -15.13 -19.23
C ASP B 160 4.55 -14.16 -18.31
N SER B 161 5.89 -14.17 -18.38
CA SER B 161 6.80 -13.15 -17.75
C SER B 161 6.61 -11.81 -18.48
N MET B 162 7.09 -10.73 -17.91
CA MET B 162 6.83 -9.35 -18.41
C MET B 162 7.41 -9.16 -19.81
N PRO B 163 8.68 -9.57 -20.09
CA PRO B 163 9.21 -9.50 -21.46
C PRO B 163 8.30 -10.20 -22.49
N GLU B 164 7.69 -11.34 -22.11
CA GLU B 164 6.77 -12.10 -23.01
C GLU B 164 5.53 -11.26 -23.30
N THR B 165 5.04 -10.51 -22.31
CA THR B 165 3.86 -9.63 -22.51
C THR B 165 4.26 -8.57 -23.54
N GLY B 166 5.54 -8.18 -23.57
CA GLY B 166 6.07 -7.23 -24.56
C GLY B 166 5.93 -7.77 -25.97
N ASP B 167 6.40 -9.01 -26.17
CA ASP B 167 6.29 -9.77 -27.45
C ASP B 167 4.81 -9.92 -27.81
N ASN B 168 3.96 -10.27 -26.83
CA ASN B 168 2.49 -10.46 -27.06
C ASN B 168 1.90 -9.17 -27.65
N VAL B 169 2.28 -8.03 -27.07
CA VAL B 169 1.78 -6.67 -27.44
C VAL B 169 2.29 -6.33 -28.85
N ALA B 170 3.59 -6.51 -29.09
CA ALA B 170 4.25 -6.34 -30.43
C ALA B 170 3.48 -7.11 -31.49
N ARG B 171 3.28 -8.42 -31.23
CA ARG B 171 2.53 -9.34 -32.11
C ARG B 171 1.11 -8.79 -32.28
N ALA B 172 0.40 -8.51 -31.18
CA ALA B 172 -1.05 -8.16 -31.22
C ALA B 172 -1.28 -6.84 -31.98
N PHE B 173 -0.40 -5.85 -31.82
CA PHE B 173 -0.56 -4.47 -32.38
C PHE B 173 0.43 -4.21 -33.51
N GLY B 174 1.21 -5.23 -33.91
CA GLY B 174 2.05 -5.20 -35.13
C GLY B 174 3.15 -4.17 -35.02
N ILE B 175 4.07 -4.37 -34.08
CA ILE B 175 5.19 -3.44 -33.80
C ILE B 175 6.46 -4.15 -34.27
N ALA B 176 7.13 -3.59 -35.28
CA ALA B 176 8.37 -4.16 -35.86
C ALA B 176 9.51 -4.10 -34.83
N ARG B 177 10.46 -5.04 -34.91
CA ARG B 177 11.70 -5.08 -34.10
C ARG B 177 12.51 -3.79 -34.31
N GLU B 178 12.59 -3.35 -35.57
CA GLU B 178 13.31 -2.12 -36.04
C GLU B 178 12.76 -0.87 -35.33
N ASP B 179 11.45 -0.69 -35.34
CA ASP B 179 10.76 0.44 -34.65
C ASP B 179 11.11 0.40 -33.15
N ALA B 180 11.01 -0.77 -32.52
CA ALA B 180 11.34 -0.96 -31.09
C ALA B 180 12.75 -0.44 -30.82
N ASP B 181 13.71 -0.85 -31.66
CA ASP B 181 15.16 -0.61 -31.43
C ASP B 181 15.49 0.87 -31.66
N ARG B 182 14.76 1.52 -32.57
CA ARG B 182 14.88 2.98 -32.86
C ARG B 182 14.43 3.77 -31.62
N PHE B 183 13.27 3.40 -31.06
CA PHE B 183 12.71 3.96 -29.80
C PHE B 183 13.75 3.82 -28.70
N ALA B 184 14.38 2.64 -28.58
CA ALA B 184 15.38 2.38 -27.54
C ALA B 184 16.61 3.27 -27.77
N ALA B 185 17.01 3.44 -29.03
CA ALA B 185 18.11 4.33 -29.45
C ALA B 185 17.78 5.77 -29.05
N SER B 186 16.60 6.27 -29.43
CA SER B 186 16.11 7.64 -29.10
C SER B 186 16.12 7.89 -27.60
N SER B 187 15.75 6.90 -26.77
CA SER B 187 15.69 7.07 -25.30
C SER B 187 17.12 7.29 -24.80
N GLN B 188 18.08 6.48 -25.26
CA GLN B 188 19.50 6.64 -24.82
C GLN B 188 20.01 8.02 -25.28
N ALA B 189 19.70 8.43 -26.50
CA ALA B 189 20.23 9.67 -27.11
C ALA B 189 19.59 10.87 -26.40
N ARG B 190 18.28 10.79 -26.17
CA ARG B 190 17.51 11.83 -25.44
C ARG B 190 18.02 11.94 -24.00
N TYR B 191 18.40 10.84 -23.34
CA TYR B 191 18.93 10.94 -21.96
C TYR B 191 20.25 11.72 -22.01
N GLN B 192 21.13 11.39 -22.97
CA GLN B 192 22.51 11.94 -23.05
C GLN B 192 22.46 13.45 -23.40
N ALA B 193 21.60 13.83 -24.35
CA ALA B 193 21.28 15.24 -24.67
C ALA B 193 20.86 15.99 -23.38
N ALA B 194 19.90 15.48 -22.62
CA ALA B 194 19.35 16.18 -21.44
C ALA B 194 20.44 16.24 -20.37
N LEU B 195 21.22 15.18 -20.25
CA LEU B 195 22.34 15.16 -19.27
C LEU B 195 23.33 16.31 -19.55
N GLU B 196 23.71 16.49 -20.82
CA GLU B 196 24.75 17.49 -21.19
C GLU B 196 24.13 18.91 -21.11
N GLU B 197 22.82 19.06 -21.24
CA GLU B 197 22.14 20.38 -21.12
C GLU B 197 21.88 20.77 -19.66
N GLY B 198 22.19 19.88 -18.70
CA GLY B 198 22.04 20.14 -17.23
C GLY B 198 20.61 19.95 -16.71
N PHE B 199 19.75 19.28 -17.46
CA PHE B 199 18.33 19.00 -17.11
C PHE B 199 18.19 18.28 -15.76
N PHE B 200 19.11 17.37 -15.41
CA PHE B 200 19.00 16.51 -14.20
C PHE B 200 19.60 17.19 -12.98
N LEU B 201 20.33 18.28 -13.14
CA LEU B 201 21.05 18.92 -12.02
C LEU B 201 20.21 19.02 -10.72
N GLY B 202 19.08 19.74 -10.72
CA GLY B 202 18.23 19.92 -9.51
C GLY B 202 17.15 18.85 -9.36
N GLU B 203 17.16 17.82 -10.20
CA GLU B 203 16.28 16.63 -10.07
C GLU B 203 16.94 15.61 -9.15
N ILE B 204 18.26 15.43 -9.26
CA ILE B 204 18.98 14.36 -8.51
C ILE B 204 19.56 14.89 -7.21
N LEU B 205 19.33 14.19 -6.08
CA LEU B 205 20.16 14.31 -4.86
C LEU B 205 21.28 13.27 -4.98
N PRO B 206 22.56 13.69 -5.05
CA PRO B 206 23.66 12.73 -4.99
C PRO B 206 23.64 11.95 -3.67
N VAL B 207 24.06 10.68 -3.74
CA VAL B 207 24.13 9.75 -2.58
C VAL B 207 25.59 9.34 -2.33
N GLU B 208 26.04 9.54 -1.10
CA GLU B 208 27.34 9.12 -0.53
C GLU B 208 27.24 7.64 -0.11
N VAL B 209 28.06 6.78 -0.70
CA VAL B 209 28.07 5.29 -0.45
C VAL B 209 29.47 4.88 -0.02
N ARG B 210 29.59 3.80 0.73
CA ARG B 210 30.90 3.16 1.05
C ARG B 210 31.53 2.68 -0.26
N ALA B 211 32.85 2.87 -0.42
CA ALA B 211 33.68 2.34 -1.52
C ALA B 211 34.32 1.02 -1.07
N GLY B 212 34.47 0.83 0.25
CA GLY B 212 34.78 -0.45 0.92
C GLY B 212 36.18 -0.48 1.51
N ARG B 213 36.98 0.58 1.36
CA ARG B 213 38.43 0.63 1.74
C ARG B 213 38.58 1.24 3.14
N LYS B 214 37.99 0.57 4.14
CA LYS B 214 38.07 0.92 5.59
C LYS B 214 37.97 2.44 5.75
N GLY B 215 36.79 3.01 5.44
CA GLY B 215 36.44 4.42 5.70
C GLY B 215 36.17 5.22 4.42
N GLU B 216 36.52 4.66 3.26
CA GLU B 216 36.44 5.36 1.94
C GLU B 216 34.99 5.48 1.47
N THR B 217 34.54 6.72 1.19
CA THR B 217 33.22 7.06 0.62
C THR B 217 33.36 7.65 -0.80
N ARG B 218 32.34 7.44 -1.62
CA ARG B 218 32.22 7.81 -3.05
C ARG B 218 30.88 8.55 -3.19
N LEU B 219 30.81 9.64 -3.97
CA LEU B 219 29.53 10.33 -4.22
C LEU B 219 28.96 9.84 -5.55
N VAL B 220 27.75 9.27 -5.55
CA VAL B 220 27.02 8.84 -6.76
C VAL B 220 26.11 10.01 -7.15
N GLU B 221 26.40 10.67 -8.28
CA GLU B 221 25.73 11.89 -8.76
C GLU B 221 24.93 11.56 -10.01
N ARG B 222 25.26 10.44 -10.67
CA ARG B 222 24.82 10.15 -12.05
C ARG B 222 24.04 8.83 -12.12
N ASP B 223 22.97 8.82 -12.92
CA ASP B 223 22.24 7.60 -13.31
C ASP B 223 23.28 6.61 -13.87
N GLU B 224 23.29 5.34 -13.41
CA GLU B 224 24.33 4.32 -13.72
C GLU B 224 23.90 3.44 -14.92
N HIS B 225 22.60 3.31 -15.17
CA HIS B 225 21.99 2.41 -16.19
C HIS B 225 22.10 2.89 -17.64
N PRO B 226 22.25 4.20 -17.95
CA PRO B 226 22.37 4.64 -19.34
C PRO B 226 23.57 4.03 -20.07
N ARG B 227 23.33 3.71 -21.34
CA ARG B 227 24.30 3.12 -22.29
C ARG B 227 24.36 4.05 -23.51
N PRO B 228 25.17 5.13 -23.46
CA PRO B 228 25.31 6.07 -24.58
C PRO B 228 25.71 5.39 -25.91
N GLN B 229 26.55 4.35 -25.82
CA GLN B 229 27.08 3.54 -26.95
C GLN B 229 25.96 2.79 -27.68
N ALA B 230 24.80 2.60 -27.05
CA ALA B 230 23.67 1.84 -27.64
C ALA B 230 23.01 2.68 -28.74
N ASP B 231 23.55 2.65 -29.96
CA ASP B 231 22.92 3.24 -31.17
C ASP B 231 22.14 2.17 -31.92
N LEU B 232 21.36 2.56 -32.92
CA LEU B 232 20.42 1.68 -33.67
C LEU B 232 21.14 0.42 -34.19
N ALA B 233 22.38 0.56 -34.69
CA ALA B 233 23.20 -0.54 -35.27
C ALA B 233 23.54 -1.58 -34.19
N ALA B 234 24.01 -1.16 -33.02
CA ALA B 234 24.32 -2.06 -31.87
C ALA B 234 23.06 -2.82 -31.40
N LEU B 235 21.90 -2.16 -31.34
CA LEU B 235 20.64 -2.74 -30.80
C LEU B 235 20.10 -3.82 -31.74
N ALA B 236 20.21 -3.62 -33.06
CA ALA B 236 19.74 -4.58 -34.10
C ALA B 236 20.56 -5.88 -34.04
N ARG B 237 21.79 -5.83 -33.51
CA ARG B 237 22.72 -6.98 -33.43
C ARG B 237 22.36 -7.92 -32.27
N LEU B 238 21.65 -7.44 -31.24
CA LEU B 238 21.35 -8.25 -30.02
C LEU B 238 20.22 -9.23 -30.33
N PRO B 239 20.21 -10.42 -29.68
CA PRO B 239 19.14 -11.41 -29.87
C PRO B 239 17.90 -11.10 -29.01
N ALA B 240 16.73 -11.43 -29.55
CA ALA B 240 15.47 -11.56 -28.77
C ALA B 240 15.72 -12.49 -27.57
N LEU B 241 15.09 -12.19 -26.42
CA LEU B 241 15.15 -13.04 -25.20
C LEU B 241 14.38 -14.37 -25.41
N PHE B 242 13.38 -14.38 -26.31
CA PHE B 242 12.48 -15.53 -26.64
C PHE B 242 12.30 -15.61 -28.16
N ALA B 243 12.33 -16.83 -28.73
CA ALA B 243 12.13 -17.09 -30.18
C ALA B 243 10.83 -16.42 -30.68
N GLY B 244 10.83 -15.89 -31.90
CA GLY B 244 9.67 -15.19 -32.51
C GLY B 244 9.44 -13.81 -31.90
N GLY B 245 10.25 -13.44 -30.91
CA GLY B 245 10.07 -12.23 -30.06
C GLY B 245 10.86 -11.04 -30.57
N VAL B 246 10.41 -9.83 -30.23
CA VAL B 246 11.07 -8.57 -30.65
C VAL B 246 11.75 -7.92 -29.44
N VAL B 247 11.63 -8.48 -28.22
CA VAL B 247 12.15 -7.87 -26.96
C VAL B 247 13.55 -8.42 -26.68
N THR B 248 14.49 -7.52 -26.42
CA THR B 248 15.93 -7.80 -26.18
C THR B 248 16.35 -7.19 -24.85
N ALA B 249 17.57 -7.45 -24.40
CA ALA B 249 18.16 -6.81 -23.19
C ALA B 249 18.34 -5.31 -23.45
N GLY B 250 18.18 -4.86 -24.70
CA GLY B 250 18.55 -3.49 -25.09
C GLY B 250 17.36 -2.61 -25.37
N ASN B 251 16.17 -3.16 -25.64
CA ASN B 251 14.94 -2.34 -25.86
C ASN B 251 13.96 -2.56 -24.71
N ALA B 252 14.48 -3.09 -23.60
CA ALA B 252 13.78 -3.35 -22.32
C ALA B 252 14.51 -2.57 -21.23
N SER B 253 13.78 -2.06 -20.24
CA SER B 253 14.45 -1.45 -19.07
C SER B 253 15.14 -2.56 -18.26
N GLY B 254 15.79 -2.20 -17.17
CA GLY B 254 16.59 -3.17 -16.42
C GLY B 254 16.02 -3.39 -15.04
N ILE B 255 16.86 -3.90 -14.16
CA ILE B 255 16.55 -4.18 -12.74
C ILE B 255 17.37 -3.15 -11.97
N ASN B 256 16.80 -2.37 -11.03
CA ASN B 256 17.51 -1.14 -10.58
C ASN B 256 17.18 -0.73 -9.13
N ASP B 257 18.01 0.12 -8.57
CA ASP B 257 17.88 0.65 -7.20
C ASP B 257 17.61 2.15 -7.32
N GLY B 258 16.80 2.72 -6.45
CA GLY B 258 16.48 4.15 -6.56
C GLY B 258 15.23 4.51 -5.82
N ALA B 259 15.07 5.82 -5.59
CA ALA B 259 13.94 6.42 -4.87
C ALA B 259 13.65 7.80 -5.49
N ALA B 260 12.41 8.26 -5.35
CA ALA B 260 11.89 9.54 -5.90
C ALA B 260 10.75 9.98 -4.99
N VAL B 261 10.74 11.24 -4.60
CA VAL B 261 9.70 11.76 -3.67
C VAL B 261 9.33 13.16 -4.16
N VAL B 262 8.06 13.48 -4.10
CA VAL B 262 7.54 14.85 -4.33
C VAL B 262 6.87 15.36 -3.05
N LEU B 263 6.88 16.69 -2.89
CA LEU B 263 6.09 17.44 -1.89
C LEU B 263 4.85 17.99 -2.56
N LEU B 264 3.67 17.56 -2.11
CA LEU B 264 2.34 18.03 -2.57
C LEU B 264 1.73 18.82 -1.44
N GLY B 265 0.94 19.85 -1.76
CA GLY B 265 0.07 20.52 -0.79
C GLY B 265 -1.13 21.18 -1.46
N ASP B 266 -2.00 21.82 -0.66
CA ASP B 266 -3.11 22.67 -1.16
C ASP B 266 -2.53 23.99 -1.68
N ARG B 267 -3.35 24.82 -2.31
CA ARG B 267 -2.91 26.16 -2.80
C ARG B 267 -2.58 27.07 -1.60
N ALA B 268 -3.42 27.08 -0.58
CA ALA B 268 -3.36 28.07 0.54
C ALA B 268 -2.02 27.99 1.28
N ILE B 269 -1.47 26.80 1.50
CA ILE B 269 -0.19 26.68 2.24
C ILE B 269 0.96 27.29 1.42
N GLY B 270 0.99 27.11 0.10
CA GLY B 270 1.95 27.86 -0.72
C GLY B 270 1.78 29.37 -0.58
N GLU B 271 0.55 29.87 -0.77
CA GLU B 271 0.20 31.32 -0.68
C GLU B 271 0.64 31.86 0.69
N ARG B 272 0.36 31.15 1.78
CA ARG B 272 0.65 31.64 3.16
C ARG B 272 2.18 31.79 3.35
N GLU B 273 3.02 30.94 2.72
CA GLU B 273 4.49 30.89 2.93
C GLU B 273 5.23 31.60 1.77
N GLY B 274 4.53 32.07 0.74
CA GLY B 274 5.18 32.71 -0.41
C GLY B 274 6.01 31.73 -1.26
N ILE B 275 5.56 30.47 -1.38
CA ILE B 275 6.24 29.45 -2.22
C ILE B 275 5.33 29.08 -3.38
N ARG B 276 5.80 29.24 -4.61
CA ARG B 276 5.03 28.95 -5.83
C ARG B 276 5.08 27.45 -6.09
N PRO B 277 3.97 26.78 -6.48
CA PRO B 277 4.02 25.40 -6.94
C PRO B 277 4.53 25.27 -8.39
N LEU B 278 5.13 24.13 -8.73
CA LEU B 278 5.57 23.78 -10.12
C LEU B 278 4.33 23.50 -10.99
N ALA B 279 3.34 22.80 -10.44
CA ALA B 279 2.24 22.24 -11.24
C ALA B 279 1.08 21.90 -10.34
N ARG B 280 -0.10 21.77 -10.94
CA ARG B 280 -1.32 21.32 -10.24
C ARG B 280 -1.63 19.92 -10.75
N ILE B 281 -2.05 19.04 -9.84
CA ILE B 281 -2.58 17.71 -10.30
C ILE B 281 -4.07 17.90 -10.60
N LEU B 282 -4.50 17.55 -11.81
CA LEU B 282 -5.88 17.76 -12.29
C LEU B 282 -6.70 16.49 -12.15
N ALA B 283 -6.13 15.31 -12.45
CA ALA B 283 -6.91 14.05 -12.53
C ALA B 283 -6.01 12.82 -12.57
N SER B 284 -6.58 11.67 -12.24
CA SER B 284 -5.93 10.34 -12.43
C SER B 284 -6.97 9.33 -12.88
N ALA B 285 -6.49 8.23 -13.44
CA ALA B 285 -7.31 7.07 -13.81
C ALA B 285 -6.47 5.80 -13.70
N SER B 286 -7.05 4.77 -13.08
CA SER B 286 -6.53 3.39 -13.00
C SER B 286 -7.47 2.49 -13.83
N VAL B 287 -6.93 1.69 -14.75
CA VAL B 287 -7.71 0.67 -15.52
C VAL B 287 -7.02 -0.70 -15.39
N GLY B 288 -7.82 -1.76 -15.47
CA GLY B 288 -7.34 -3.14 -15.66
C GLY B 288 -7.36 -3.50 -17.13
N VAL B 289 -6.48 -4.41 -17.53
CA VAL B 289 -6.47 -5.01 -18.90
C VAL B 289 -6.13 -6.50 -18.74
N GLU B 290 -6.19 -7.26 -19.84
CA GLU B 290 -5.73 -8.67 -19.88
C GLU B 290 -4.30 -8.70 -19.36
N PRO B 291 -3.96 -9.50 -18.33
CA PRO B 291 -2.57 -9.63 -17.90
C PRO B 291 -1.55 -9.92 -19.02
N ARG B 292 -1.93 -10.76 -19.99
CA ARG B 292 -1.11 -11.18 -21.17
C ARG B 292 -0.63 -9.94 -21.93
N LEU B 293 -1.45 -8.88 -21.98
CA LEU B 293 -1.22 -7.63 -22.75
C LEU B 293 -1.06 -6.45 -21.79
N MET B 294 -0.40 -6.66 -20.66
CA MET B 294 -0.38 -5.65 -19.56
C MET B 294 0.18 -4.32 -20.08
N GLY B 295 1.03 -4.37 -21.11
CA GLY B 295 1.78 -3.23 -21.68
C GLY B 295 0.92 -2.10 -22.21
N ILE B 296 -0.30 -2.37 -22.65
CA ILE B 296 -1.20 -1.34 -23.28
C ILE B 296 -2.16 -0.78 -22.22
N GLY B 297 -1.95 -1.11 -20.94
CA GLY B 297 -2.64 -0.46 -19.80
C GLY B 297 -2.71 1.05 -19.99
N PRO B 298 -1.58 1.73 -20.25
CA PRO B 298 -1.61 3.18 -20.40
C PRO B 298 -2.72 3.71 -21.31
N GLN B 299 -3.11 3.02 -22.39
CA GLN B 299 -4.00 3.65 -23.40
C GLN B 299 -5.27 4.19 -22.73
N GLN B 300 -6.09 3.31 -22.15
CA GLN B 300 -7.37 3.67 -21.48
C GLN B 300 -7.09 4.52 -20.24
N ALA B 301 -6.04 4.24 -19.49
CA ALA B 301 -5.64 5.08 -18.33
C ALA B 301 -5.52 6.53 -18.80
N ILE B 302 -4.78 6.74 -19.92
CA ILE B 302 -4.47 8.09 -20.45
C ILE B 302 -5.77 8.75 -20.91
N LEU B 303 -6.63 8.03 -21.64
CA LEU B 303 -7.88 8.62 -22.18
C LEU B 303 -8.84 9.00 -21.04
N ARG B 304 -8.95 8.16 -20.01
CA ARG B 304 -9.88 8.44 -18.88
C ARG B 304 -9.40 9.68 -18.09
N ALA B 305 -8.09 9.80 -17.83
CA ALA B 305 -7.46 10.90 -17.08
C ALA B 305 -7.62 12.23 -17.85
N LEU B 306 -7.40 12.21 -19.18
CA LEU B 306 -7.63 13.36 -20.09
C LEU B 306 -9.12 13.76 -20.04
N GLN B 307 -10.01 12.79 -20.15
CA GLN B 307 -11.46 13.09 -20.06
C GLN B 307 -11.75 13.66 -18.66
N ARG B 308 -11.19 13.09 -17.60
CA ARG B 308 -11.38 13.64 -16.24
C ARG B 308 -10.73 15.03 -16.11
N ALA B 309 -9.61 15.29 -16.76
CA ALA B 309 -8.95 16.62 -16.68
C ALA B 309 -9.68 17.63 -17.59
N GLY B 310 -10.54 17.15 -18.50
CA GLY B 310 -11.30 17.95 -19.49
C GLY B 310 -10.41 18.51 -20.59
N ILE B 311 -9.35 17.80 -20.97
CA ILE B 311 -8.43 18.24 -22.06
C ILE B 311 -8.30 17.17 -23.15
N ASP B 312 -7.88 17.62 -24.32
CA ASP B 312 -7.55 16.80 -25.50
C ASP B 312 -6.07 16.42 -25.42
N LEU B 313 -5.68 15.30 -26.03
CA LEU B 313 -4.26 14.86 -26.18
C LEU B 313 -3.45 15.93 -26.92
N ASP B 314 -4.11 16.81 -27.67
CA ASP B 314 -3.50 17.91 -28.49
C ASP B 314 -3.07 19.08 -27.61
N GLU B 315 -3.59 19.18 -26.40
CA GLU B 315 -3.23 20.26 -25.45
C GLU B 315 -2.04 19.81 -24.63
N VAL B 316 -1.64 18.55 -24.73
CA VAL B 316 -0.51 17.99 -23.95
C VAL B 316 0.80 18.40 -24.61
N GLY B 317 1.75 18.91 -23.83
CA GLY B 317 3.11 19.24 -24.31
C GLY B 317 4.16 18.19 -23.97
N LEU B 318 3.86 17.30 -23.01
CA LEU B 318 4.86 16.36 -22.44
C LEU B 318 4.12 15.07 -22.07
N ILE B 319 4.62 13.90 -22.52
CA ILE B 319 4.04 12.56 -22.27
C ILE B 319 5.13 11.65 -21.68
N GLU B 320 5.00 11.27 -20.41
CA GLU B 320 5.91 10.28 -19.77
C GLU B 320 5.16 8.96 -19.68
N ILE B 321 5.35 8.11 -20.69
CA ILE B 321 4.97 6.67 -20.70
C ILE B 321 6.22 5.89 -20.30
N ASN B 322 6.14 5.13 -19.21
CA ASN B 322 7.28 4.37 -18.67
C ASN B 322 7.72 3.35 -19.72
N GLU B 323 9.02 3.22 -19.92
CA GLU B 323 9.58 2.32 -20.96
C GLU B 323 9.92 0.98 -20.32
N ALA B 324 8.92 0.19 -19.94
CA ALA B 324 9.15 -1.20 -19.50
C ALA B 324 9.79 -1.97 -20.67
N PHE B 325 9.20 -1.87 -21.85
CA PHE B 325 9.70 -2.53 -23.09
C PHE B 325 9.33 -1.63 -24.26
N ALA B 326 10.33 -1.28 -25.08
CA ALA B 326 10.13 -0.42 -26.25
C ALA B 326 8.82 -0.77 -26.93
N PRO B 327 8.54 -2.05 -27.24
CA PRO B 327 7.33 -2.36 -28.00
C PRO B 327 6.00 -2.02 -27.32
N GLN B 328 5.90 -2.05 -25.97
CA GLN B 328 4.62 -1.68 -25.30
C GLN B 328 4.44 -0.15 -25.37
N VAL B 329 5.52 0.61 -25.29
CA VAL B 329 5.41 2.09 -25.46
C VAL B 329 4.85 2.33 -26.86
N LEU B 330 5.48 1.76 -27.90
CA LEU B 330 5.08 2.03 -29.32
C LEU B 330 3.61 1.62 -29.52
N ALA B 331 3.18 0.51 -28.91
CA ALA B 331 1.79 0.00 -29.05
C ALA B 331 0.81 1.02 -28.45
N CYS B 332 1.09 1.51 -27.23
CA CYS B 332 0.35 2.62 -26.57
C CYS B 332 0.32 3.84 -27.50
N LEU B 333 1.47 4.22 -28.10
CA LEU B 333 1.51 5.38 -29.04
C LEU B 333 0.59 5.13 -30.24
N LYS B 334 0.66 3.96 -30.89
CA LYS B 334 -0.23 3.61 -32.04
C LYS B 334 -1.70 3.65 -31.61
N LEU B 335 -2.02 3.07 -30.45
CA LEU B 335 -3.42 3.04 -29.95
C LEU B 335 -3.96 4.46 -29.74
N LEU B 336 -3.13 5.42 -29.32
CA LEU B 336 -3.54 6.84 -29.10
C LEU B 336 -3.47 7.68 -30.39
N GLY B 337 -2.96 7.13 -31.52
CA GLY B 337 -2.84 7.84 -32.81
C GLY B 337 -1.69 8.86 -32.82
N LEU B 338 -0.56 8.52 -32.20
CA LEU B 338 0.65 9.37 -32.11
C LEU B 338 1.75 8.71 -32.94
N ASP B 339 2.61 9.50 -33.58
CA ASP B 339 3.77 8.96 -34.35
C ASP B 339 4.66 8.24 -33.36
N TYR B 340 5.40 7.21 -33.76
CA TYR B 340 6.39 6.54 -32.88
C TYR B 340 7.42 7.56 -32.39
N GLU B 341 7.63 8.66 -33.12
CA GLU B 341 8.75 9.61 -32.89
C GLU B 341 8.26 10.97 -32.34
N ASP B 342 6.99 11.09 -31.96
CA ASP B 342 6.39 12.31 -31.36
C ASP B 342 7.36 12.84 -30.31
N PRO B 343 7.84 14.09 -30.43
CA PRO B 343 8.90 14.58 -29.55
C PRO B 343 8.40 14.97 -28.12
N ARG B 344 7.10 14.92 -27.88
CA ARG B 344 6.54 15.12 -26.51
C ARG B 344 6.82 13.89 -25.62
N VAL B 345 7.21 12.75 -26.18
CA VAL B 345 7.22 11.43 -25.49
C VAL B 345 8.60 11.15 -24.91
N ASN B 346 8.70 11.07 -23.59
CA ASN B 346 9.96 10.76 -22.86
C ASN B 346 11.09 11.61 -23.44
N PRO B 347 10.91 12.96 -23.50
CA PRO B 347 11.83 13.83 -24.24
C PRO B 347 13.23 13.92 -23.62
N HIS B 348 13.36 13.63 -22.33
CA HIS B 348 14.66 13.65 -21.61
C HIS B 348 15.19 12.22 -21.41
N GLY B 349 14.67 11.26 -22.16
CA GLY B 349 14.98 9.82 -21.96
C GLY B 349 13.97 9.14 -21.04
N GLY B 350 14.07 7.81 -20.97
CA GLY B 350 13.09 6.91 -20.32
C GLY B 350 13.80 5.73 -19.66
N ALA B 351 13.03 4.81 -19.09
CA ALA B 351 13.51 3.63 -18.32
C ALA B 351 14.50 2.78 -19.14
N ILE B 352 14.44 2.78 -20.47
CA ILE B 352 15.42 1.98 -21.26
C ILE B 352 16.82 2.52 -20.90
N ALA B 353 16.95 3.84 -20.82
CA ALA B 353 18.24 4.48 -20.45
C ALA B 353 18.40 4.51 -18.92
N LEU B 354 17.38 4.99 -18.22
CA LEU B 354 17.47 5.36 -16.78
C LEU B 354 17.29 4.14 -15.87
N GLY B 355 16.62 3.08 -16.33
CA GLY B 355 16.33 1.91 -15.49
C GLY B 355 14.97 2.00 -14.82
N HIS B 356 14.57 0.97 -14.09
CA HIS B 356 13.20 0.77 -13.55
C HIS B 356 13.22 0.24 -12.12
N PRO B 357 13.66 1.01 -11.09
CA PRO B 357 13.44 0.56 -9.72
C PRO B 357 11.91 0.66 -9.49
N LEU B 358 11.20 -0.48 -9.49
CA LEU B 358 9.76 -0.55 -9.80
C LEU B 358 8.97 0.51 -8.99
N GLY B 359 9.11 0.52 -7.66
CA GLY B 359 8.40 1.43 -6.75
C GLY B 359 8.67 2.89 -7.07
N ALA B 360 9.89 3.22 -7.48
CA ALA B 360 10.39 4.59 -7.66
C ALA B 360 9.95 5.15 -9.01
N SER B 361 9.80 4.34 -10.05
CA SER B 361 9.64 4.87 -11.44
C SER B 361 8.47 5.86 -11.58
N GLY B 362 7.29 5.55 -11.07
CA GLY B 362 6.12 6.44 -11.26
C GLY B 362 6.33 7.76 -10.56
N ALA B 363 7.06 7.75 -9.46
CA ALA B 363 7.37 8.97 -8.68
C ALA B 363 8.38 9.81 -9.46
N ARG B 364 9.38 9.15 -10.07
CA ARG B 364 10.29 9.80 -11.03
C ARG B 364 9.49 10.45 -12.18
N LEU B 365 8.52 9.77 -12.81
CA LEU B 365 7.80 10.38 -13.97
C LEU B 365 7.02 11.65 -13.52
N VAL B 366 6.48 11.67 -12.31
CA VAL B 366 5.73 12.85 -11.79
C VAL B 366 6.74 14.00 -11.72
N LEU B 367 7.88 13.75 -11.08
CA LEU B 367 8.89 14.78 -10.79
C LEU B 367 9.43 15.35 -12.11
N THR B 368 9.80 14.47 -13.03
CA THR B 368 10.46 14.88 -14.29
C THR B 368 9.44 15.56 -15.22
N ALA B 369 8.18 15.18 -15.20
CA ALA B 369 7.14 15.84 -16.01
C ALA B 369 6.87 17.25 -15.46
N ALA B 370 6.86 17.40 -14.12
CA ALA B 370 6.64 18.67 -13.42
C ALA B 370 7.79 19.60 -13.75
N ARG B 371 9.02 19.08 -13.72
CA ARG B 371 10.22 19.86 -14.11
C ARG B 371 10.22 20.17 -15.61
N GLY B 372 10.00 19.16 -16.45
CA GLY B 372 9.98 19.31 -17.91
C GLY B 372 8.98 20.38 -18.36
N LEU B 373 7.84 20.48 -17.68
CA LEU B 373 6.75 21.39 -18.09
C LEU B 373 7.19 22.85 -18.04
N GLN B 374 8.12 23.19 -17.13
CA GLN B 374 8.64 24.56 -16.89
C GLN B 374 9.34 25.10 -18.15
N ARG B 375 9.77 24.22 -19.05
CA ARG B 375 10.69 24.51 -20.18
C ARG B 375 9.90 24.64 -21.50
N ILE B 376 8.61 24.37 -21.52
CA ILE B 376 7.88 24.20 -22.81
C ILE B 376 6.63 25.10 -22.78
N GLU B 377 5.94 25.18 -23.92
CA GLU B 377 4.81 26.13 -24.16
C GLU B 377 3.49 25.49 -23.70
N ARG B 378 3.11 24.34 -24.25
CA ARG B 378 1.85 23.66 -23.85
C ARG B 378 1.92 23.47 -22.32
N ARG B 379 0.81 23.54 -21.61
CA ARG B 379 0.86 23.65 -20.11
C ARG B 379 0.44 22.35 -19.42
N TYR B 380 0.10 21.30 -20.18
CA TYR B 380 -0.38 20.00 -19.66
C TYR B 380 0.65 18.91 -19.91
N ALA B 381 0.86 18.05 -18.93
CA ALA B 381 1.59 16.77 -19.12
C ALA B 381 0.74 15.60 -18.62
N VAL B 382 0.90 14.47 -19.31
CA VAL B 382 0.38 13.15 -18.87
C VAL B 382 1.56 12.29 -18.42
N VAL B 383 1.37 11.57 -17.34
CA VAL B 383 2.33 10.59 -16.79
C VAL B 383 1.58 9.25 -16.77
N SER B 384 2.16 8.15 -17.27
CA SER B 384 1.47 6.84 -17.27
C SER B 384 2.46 5.68 -17.18
N LEU B 385 2.07 4.62 -16.48
CA LEU B 385 2.83 3.35 -16.40
C LEU B 385 1.89 2.18 -16.66
N CYS B 386 2.37 1.18 -17.38
CA CYS B 386 1.74 -0.15 -17.49
C CYS B 386 2.08 -0.87 -16.19
N VAL B 387 1.29 -1.86 -15.79
CA VAL B 387 1.45 -2.60 -14.51
C VAL B 387 1.33 -4.10 -14.79
N GLY B 388 2.33 -4.89 -14.35
CA GLY B 388 2.25 -6.35 -14.27
C GLY B 388 0.89 -6.82 -13.75
N LEU B 389 0.37 -7.89 -14.35
CA LEU B 389 -0.96 -8.51 -14.13
C LEU B 389 -2.08 -7.70 -14.80
N GLY B 390 -1.71 -6.66 -15.56
CA GLY B 390 -2.62 -5.95 -16.48
C GLY B 390 -3.32 -4.77 -15.84
N GLN B 391 -2.59 -3.70 -15.55
CA GLN B 391 -3.19 -2.39 -15.17
C GLN B 391 -2.48 -1.28 -15.94
N GLY B 392 -3.18 -0.15 -16.07
CA GLY B 392 -2.66 1.16 -16.46
C GLY B 392 -3.10 2.22 -15.45
N VAL B 393 -2.17 3.07 -15.06
CA VAL B 393 -2.41 4.26 -14.22
C VAL B 393 -1.87 5.48 -15.00
N ALA B 394 -2.64 6.56 -15.05
CA ALA B 394 -2.26 7.83 -15.68
C ALA B 394 -2.67 8.99 -14.76
N MET B 395 -1.88 10.06 -14.79
CA MET B 395 -2.16 11.33 -14.08
C MET B 395 -1.96 12.47 -15.09
N VAL B 396 -2.82 13.48 -15.01
CA VAL B 396 -2.70 14.75 -15.77
C VAL B 396 -2.31 15.89 -14.82
N ILE B 397 -1.29 16.67 -15.18
CA ILE B 397 -0.83 17.85 -14.41
C ILE B 397 -0.79 19.09 -15.33
N GLU B 398 -0.89 20.26 -14.70
CA GLU B 398 -0.90 21.60 -15.38
C GLU B 398 0.20 22.46 -14.77
N ARG B 399 1.07 23.05 -15.59
CA ARG B 399 2.05 24.06 -15.13
C ARG B 399 1.27 25.19 -14.43
N CYS B 400 1.74 25.64 -13.28
CA CYS B 400 1.17 26.80 -12.54
C CYS B 400 1.61 28.13 -13.19
C1 GOL C . -1.70 -9.50 16.40
O1 GOL C . -1.62 -10.43 15.30
C2 GOL C . -0.51 -9.49 17.35
O2 GOL C . 0.29 -8.34 17.11
C3 GOL C . -0.86 -9.55 18.83
O3 GOL C . -1.47 -8.37 19.34
C1 GOL D . 11.74 -3.61 -16.88
O1 GOL D . 11.13 -3.90 -18.14
C2 GOL D . 11.59 -4.75 -15.90
O2 GOL D . 12.76 -5.57 -15.98
C3 GOL D . 11.33 -4.30 -14.47
O3 GOL D . 12.48 -3.76 -13.78
C1 GOL E . -6.03 20.29 6.59
O1 GOL E . -6.60 20.00 5.32
C2 GOL E . -6.62 19.42 7.68
O2 GOL E . -5.56 18.91 8.50
C3 GOL E . -7.65 20.13 8.52
O3 GOL E . -8.43 19.18 9.25
#